data_2Y2G
#
_entry.id   2Y2G
#
_cell.length_a   97.526
_cell.length_b   97.526
_cell.length_c   149.356
_cell.angle_alpha   90.00
_cell.angle_beta   90.00
_cell.angle_gamma   90.00
#
_symmetry.space_group_name_H-M   'P 21 21 21'
#
loop_
_entity.id
_entity.type
_entity.pdbx_description
1 polymer 'PENICILLIN-BINDING PROTEIN 1B'
2 non-polymer [(2,6-DIMETHOXYPHENYL)CARBONYLAMINO]METHYL-TRIHYDROXY-BORON
3 non-polymer 'SULFATE ION'
4 non-polymer 'CHLORIDE ION'
5 non-polymer 'SODIUM ION'
6 non-polymer 1,2-ETHANEDIOL
7 water water
#
_entity_poly.entity_id   1
_entity_poly.type   'polypeptide(L)'
_entity_poly.pdbx_seq_one_letter_code
;DISSISEITYSDGTVIASIESDLLRQDFLPSGTVTGISRDYLYFTTLAEAQERMYDYLAQRDNVSAKELKNEATQKFYRD
LAAKEIENGGYKITTTIDQKIHSAMQSAVADYGYLLDDGTGRVEVGNVLMDNQTGAILGFVGGRNYQENQNNHAFDTKRS
PASTTKPLLAYGIAIDQGLMGSETILSNYPTNFANGNPIMYANSKGTGMMTLGEALNYSWNIPAYWTYRMLRENGVDVKG
YMEKMGYEIPEYGIESLPMGGGIEVTVAQHTNGYQTLANNGVYHQKHVISKIEAADGRVVYEYQDKPVQVYSKATATIMQ
GLLREVLSSRVTTTFKSNLTSLNPTLANADWIGKTGTTGQDENMWLMLSTPRLTLGGWIGHDDNHSLSQQAGYSNNSNYM
AHLVNAIQQASPSIWGNERFALDPSVVKSEVLKSTGQKPGKVSVEGKEVEVTGSTVTSYWANKSGAPATSYRFAIGGSDA
DYQNAWSSIVGSLP
;
_entity_poly.pdbx_strand_id   A,B
#
loop_
_chem_comp.id
_chem_comp.type
_chem_comp.name
_chem_comp.formula
A01 non-polymer [(2,6-DIMETHOXYPHENYL)CARBONYLAMINO]METHYL-TRIHYDROXY-BORON 'C10 H15 B N O6 -1'
CL non-polymer 'CHLORIDE ION' 'Cl -1'
EDO non-polymer 1,2-ETHANEDIOL 'C2 H6 O2'
NA non-polymer 'SODIUM ION' 'Na 1'
SO4 non-polymer 'SULFATE ION' 'O4 S -2'
#
# COMPACT_ATOMS: atom_id res chain seq x y z
N GLU A 7 6.54 44.19 -16.51
CA GLU A 7 6.49 42.71 -16.66
C GLU A 7 6.37 41.97 -15.30
N ILE A 8 6.01 40.69 -15.40
CA ILE A 8 5.97 39.81 -14.24
C ILE A 8 7.24 38.92 -14.22
N THR A 9 7.83 38.74 -13.03
CA THR A 9 9.07 37.98 -12.93
C THR A 9 8.98 36.83 -11.92
N TYR A 10 9.82 35.81 -12.11
CA TYR A 10 10.05 34.77 -11.08
C TYR A 10 10.76 35.36 -9.88
N SER A 11 10.81 34.59 -8.79
CA SER A 11 11.41 35.08 -7.54
C SER A 11 12.82 35.61 -7.75
N ASP A 12 13.54 35.05 -8.73
CA ASP A 12 14.95 35.41 -8.97
C ASP A 12 15.12 36.57 -9.95
N GLY A 13 14.00 37.14 -10.42
CA GLY A 13 14.04 38.32 -11.29
C GLY A 13 13.89 38.02 -12.77
N THR A 14 14.12 36.76 -13.14
CA THR A 14 13.87 36.26 -14.50
C THR A 14 12.44 36.56 -14.94
N VAL A 15 12.31 37.03 -16.18
CA VAL A 15 11.02 37.51 -16.67
C VAL A 15 10.08 36.34 -17.04
N ILE A 16 8.92 36.29 -16.39
CA ILE A 16 7.86 35.37 -16.78
C ILE A 16 7.20 35.82 -18.10
N ALA A 17 6.76 37.07 -18.14
CA ALA A 17 6.13 37.65 -19.33
C ALA A 17 6.07 39.17 -19.22
N SER A 18 5.89 39.85 -20.35
CA SER A 18 5.52 41.27 -20.34
C SER A 18 4.02 41.48 -20.56
N ILE A 19 3.56 42.72 -20.39
CA ILE A 19 2.13 43.04 -20.50
C ILE A 19 1.88 44.25 -21.41
N ASP A 40 -0.02 29.10 -18.81
CA ASP A 40 -0.95 30.22 -18.95
C ASP A 40 -1.64 30.54 -17.63
N TYR A 41 -1.89 29.52 -16.81
CA TYR A 41 -2.39 29.72 -15.45
C TYR A 41 -1.49 30.73 -14.73
N LEU A 42 -0.18 30.55 -14.89
CA LEU A 42 0.79 31.37 -14.17
C LEU A 42 0.61 32.84 -14.55
N TYR A 43 0.42 33.09 -15.84
CA TYR A 43 0.23 34.45 -16.32
C TYR A 43 -1.02 35.08 -15.71
N PHE A 44 -2.15 34.40 -15.83
CA PHE A 44 -3.42 34.98 -15.39
C PHE A 44 -3.55 35.03 -13.88
N THR A 45 -2.91 34.09 -13.21
CA THR A 45 -2.93 34.05 -11.74
C THR A 45 -2.11 35.20 -11.17
N THR A 46 -0.87 35.34 -11.61
CA THR A 46 -0.01 36.36 -11.07
C THR A 46 -0.55 37.73 -11.51
N LEU A 47 -1.07 37.79 -12.72
CA LEU A 47 -1.72 39.01 -13.22
C LEU A 47 -2.92 39.41 -12.35
N ALA A 48 -3.81 38.45 -12.06
CA ALA A 48 -4.99 38.73 -11.24
C ALA A 48 -4.67 39.15 -9.79
N GLU A 49 -3.73 38.47 -9.16
CA GLU A 49 -3.28 38.92 -7.83
C GLU A 49 -2.67 40.32 -7.87
N ALA A 50 -1.84 40.57 -8.88
CA ALA A 50 -1.20 41.89 -9.05
C ALA A 50 -2.24 42.99 -9.20
N GLN A 51 -3.28 42.71 -9.98
CA GLN A 51 -4.37 43.66 -10.12
C GLN A 51 -5.11 43.96 -8.82
N GLU A 52 -5.38 42.95 -7.99
CA GLU A 52 -5.99 43.21 -6.68
C GLU A 52 -5.13 44.18 -5.87
N ARG A 53 -3.82 44.00 -5.97
CA ARG A 53 -2.87 44.84 -5.26
C ARG A 53 -2.89 46.26 -5.82
N MET A 54 -2.85 46.37 -7.14
CA MET A 54 -2.88 47.68 -7.78
C MET A 54 -4.18 48.43 -7.46
N TYR A 55 -5.30 47.70 -7.44
CA TYR A 55 -6.59 48.25 -7.04
C TYR A 55 -6.53 48.91 -5.69
N ASP A 56 -6.04 48.19 -4.69
CA ASP A 56 -5.88 48.76 -3.36
C ASP A 56 -4.99 49.99 -3.40
N TYR A 57 -3.88 49.87 -4.11
CA TYR A 57 -2.92 50.98 -4.15
C TYR A 57 -3.53 52.26 -4.79
N LEU A 58 -4.22 52.08 -5.92
CA LEU A 58 -4.80 53.17 -6.69
C LEU A 58 -5.92 53.90 -5.93
N ALA A 59 -6.71 53.14 -5.20
CA ALA A 59 -7.84 53.68 -4.46
C ALA A 59 -7.36 54.59 -3.32
N GLN A 60 -6.35 54.10 -2.58
CA GLN A 60 -5.70 54.93 -1.57
C GLN A 60 -4.94 56.13 -2.16
N ARG A 61 -4.24 55.92 -3.26
CA ARG A 61 -3.53 57.03 -3.89
C ARG A 61 -4.53 58.14 -4.23
N ASP A 62 -5.64 57.75 -4.83
CA ASP A 62 -6.67 58.69 -5.23
C ASP A 62 -7.54 59.20 -4.05
N ASN A 63 -7.24 58.75 -2.84
CA ASN A 63 -8.01 59.19 -1.66
C ASN A 63 -9.49 58.82 -1.74
N VAL A 64 -9.78 57.64 -2.26
CA VAL A 64 -11.14 57.12 -2.25
C VAL A 64 -11.50 56.61 -0.86
N SER A 65 -12.64 57.07 -0.34
CA SER A 65 -13.11 56.67 0.98
C SER A 65 -13.61 55.22 0.98
N ALA A 66 -13.66 54.62 2.15
CA ALA A 66 -14.26 53.28 2.30
C ALA A 66 -15.71 53.28 1.85
N LYS A 67 -16.41 54.38 2.14
CA LYS A 67 -17.81 54.52 1.73
C LYS A 67 -17.91 54.56 0.21
N GLU A 68 -17.18 55.51 -0.39
CA GLU A 68 -17.11 55.61 -1.84
C GLU A 68 -16.73 54.30 -2.52
N LEU A 69 -15.92 53.50 -1.84
CA LEU A 69 -15.43 52.26 -2.40
C LEU A 69 -16.45 51.13 -2.26
N LYS A 70 -17.56 51.42 -1.58
CA LYS A 70 -18.63 50.44 -1.49
C LYS A 70 -19.47 50.49 -2.75
N ASN A 71 -19.55 51.69 -3.34
CA ASN A 71 -20.27 51.90 -4.60
C ASN A 71 -19.78 51.01 -5.73
N GLU A 72 -20.71 50.33 -6.39
CA GLU A 72 -20.35 49.29 -7.36
C GLU A 72 -19.67 49.85 -8.61
N ALA A 73 -20.10 51.03 -9.06
CA ALA A 73 -19.54 51.65 -10.25
C ALA A 73 -18.11 52.16 -10.02
N THR A 74 -17.84 52.58 -8.79
CA THR A 74 -16.51 53.00 -8.41
C THR A 74 -15.55 51.81 -8.33
N GLN A 75 -16.03 50.69 -7.81
CA GLN A 75 -15.21 49.49 -7.75
C GLN A 75 -14.79 49.07 -9.14
N LYS A 76 -15.75 49.03 -10.05
CA LYS A 76 -15.48 48.59 -11.41
C LYS A 76 -14.46 49.51 -12.10
N PHE A 77 -14.56 50.81 -11.84
CA PHE A 77 -13.67 51.77 -12.46
C PHE A 77 -12.25 51.56 -11.96
N TYR A 78 -12.10 51.40 -10.67
CA TYR A 78 -10.81 51.09 -10.09
C TYR A 78 -10.26 49.71 -10.46
N ARG A 79 -11.17 48.77 -10.71
CA ARG A 79 -10.75 47.44 -11.17
C ARG A 79 -10.21 47.55 -12.58
N ASP A 80 -10.97 48.22 -13.46
CA ASP A 80 -10.48 48.45 -14.81
C ASP A 80 -9.18 49.26 -14.78
N LEU A 81 -9.15 50.29 -13.92
CA LEU A 81 -7.98 51.15 -13.83
C LEU A 81 -6.73 50.36 -13.45
N ALA A 82 -6.88 49.44 -12.49
CA ALA A 82 -5.75 48.64 -12.02
C ALA A 82 -5.20 47.78 -13.15
N ALA A 83 -6.10 47.19 -13.94
CA ALA A 83 -5.71 46.37 -15.10
C ALA A 83 -4.93 47.15 -16.16
N LYS A 84 -5.42 48.31 -16.57
CA LYS A 84 -4.77 49.09 -17.61
C LYS A 84 -3.43 49.63 -17.13
N GLU A 85 -3.33 49.88 -15.82
CA GLU A 85 -2.16 50.48 -15.20
C GLU A 85 -0.95 49.58 -15.41
N ILE A 86 -1.13 48.33 -15.02
CA ILE A 86 -0.23 47.26 -15.41
C ILE A 86 0.00 47.20 -16.94
N GLU A 87 -1.05 46.90 -17.69
CA GLU A 87 -0.98 46.85 -19.15
C GLU A 87 -0.13 47.95 -19.78
N ASN A 88 -0.40 49.20 -19.44
CA ASN A 88 0.28 50.33 -20.08
C ASN A 88 1.53 50.73 -19.32
N GLY A 89 1.44 50.65 -18.00
CA GLY A 89 2.51 51.15 -17.12
C GLY A 89 3.79 50.37 -17.27
N GLY A 90 4.80 50.76 -16.49
CA GLY A 90 6.08 50.06 -16.54
C GLY A 90 6.42 49.32 -15.26
N TYR A 91 5.42 48.66 -14.68
CA TYR A 91 5.56 48.03 -13.37
C TYR A 91 6.39 46.76 -13.38
N LYS A 92 7.04 46.48 -12.26
CA LYS A 92 7.79 45.25 -12.13
C LYS A 92 7.18 44.44 -11.00
N ILE A 93 6.54 43.34 -11.37
CA ILE A 93 5.91 42.48 -10.38
C ILE A 93 6.85 41.32 -10.00
N THR A 94 7.25 41.27 -8.73
CA THR A 94 8.08 40.20 -8.22
C THR A 94 7.23 39.12 -7.51
N THR A 95 7.11 37.95 -8.15
CA THR A 95 6.38 36.83 -7.56
C THR A 95 7.31 35.94 -6.73
N THR A 96 6.70 34.96 -6.06
CA THR A 96 7.42 34.02 -5.19
C THR A 96 7.73 32.76 -5.98
N ILE A 97 7.22 32.69 -7.20
CA ILE A 97 7.29 31.50 -8.04
C ILE A 97 8.73 31.17 -8.36
N ASP A 98 9.06 29.89 -8.21
CA ASP A 98 10.38 29.38 -8.58
C ASP A 98 10.27 28.70 -9.95
N GLN A 99 11.02 29.22 -10.92
CA GLN A 99 10.77 28.94 -12.33
C GLN A 99 11.03 27.49 -12.66
N LYS A 100 12.19 26.99 -12.26
CA LYS A 100 12.49 25.58 -12.48
C LYS A 100 11.41 24.69 -11.86
N ILE A 101 10.99 25.03 -10.66
CA ILE A 101 10.04 24.18 -9.96
C ILE A 101 8.65 24.22 -10.61
N HIS A 102 8.14 25.42 -10.88
CA HIS A 102 6.87 25.58 -11.59
C HIS A 102 6.84 24.89 -12.98
N SER A 103 7.85 25.14 -13.81
CA SER A 103 7.95 24.48 -15.12
C SER A 103 7.92 22.96 -14.95
N ALA A 104 8.62 22.46 -13.94
CA ALA A 104 8.70 21.03 -13.75
C ALA A 104 7.35 20.52 -13.29
N MET A 105 6.61 21.32 -12.55
CA MET A 105 5.26 20.90 -12.13
C MET A 105 4.29 20.81 -13.31
N GLN A 106 4.46 21.71 -14.28
CA GLN A 106 3.62 21.74 -15.48
C GLN A 106 3.95 20.53 -16.33
N SER A 107 5.24 20.20 -16.45
CA SER A 107 5.63 19.01 -17.22
C SER A 107 5.09 17.74 -16.60
N ALA A 108 5.09 17.69 -15.26
CA ALA A 108 4.54 16.52 -14.54
C ALA A 108 3.05 16.34 -14.84
N VAL A 109 2.28 17.42 -14.79
CA VAL A 109 0.85 17.31 -14.98
C VAL A 109 0.53 17.00 -16.46
N ALA A 110 1.29 17.61 -17.37
CA ALA A 110 1.24 17.26 -18.79
C ALA A 110 1.59 15.79 -19.04
N ASP A 111 2.71 15.34 -18.49
CA ASP A 111 3.14 13.95 -18.69
C ASP A 111 2.33 12.91 -17.89
N TYR A 112 1.91 13.28 -16.68
CA TYR A 112 1.42 12.27 -15.73
C TYR A 112 -0.04 12.47 -15.33
N GLY A 113 -0.61 13.59 -15.74
CA GLY A 113 -2.01 13.91 -15.40
C GLY A 113 -2.97 12.80 -15.77
N TYR A 114 -2.71 12.14 -16.91
CA TYR A 114 -3.57 11.03 -17.35
C TYR A 114 -3.66 9.92 -16.30
N LEU A 115 -2.71 9.89 -15.38
CA LEU A 115 -2.74 8.87 -14.33
C LEU A 115 -3.92 9.05 -13.41
N LEU A 116 -4.57 10.21 -13.51
CA LEU A 116 -5.69 10.55 -12.63
C LEU A 116 -7.01 9.98 -13.19
N ASP A 117 -7.03 9.67 -14.48
CA ASP A 117 -8.29 9.30 -15.13
C ASP A 117 -8.71 7.91 -14.71
N ASP A 118 -9.88 7.79 -14.08
CA ASP A 118 -10.23 6.58 -13.31
C ASP A 118 -11.49 5.90 -13.85
N GLY A 119 -11.91 6.30 -15.04
CA GLY A 119 -13.11 5.74 -15.63
C GLY A 119 -14.39 6.48 -15.26
N THR A 120 -14.27 7.64 -14.64
CA THR A 120 -15.45 8.46 -14.36
C THR A 120 -15.40 9.74 -15.18
N GLY A 121 -14.66 9.71 -16.29
CA GLY A 121 -14.52 10.90 -17.13
C GLY A 121 -13.19 11.57 -16.82
N ARG A 122 -12.88 12.65 -17.54
CA ARG A 122 -11.66 13.43 -17.31
C ARG A 122 -11.63 13.99 -15.89
N VAL A 123 -10.55 13.70 -15.18
CA VAL A 123 -10.38 14.14 -13.81
C VAL A 123 -9.57 15.44 -13.72
N GLU A 124 -10.14 16.47 -13.10
CA GLU A 124 -9.40 17.71 -12.90
C GLU A 124 -8.60 17.73 -11.59
N VAL A 125 -7.67 18.67 -11.51
CA VAL A 125 -6.64 18.63 -10.47
C VAL A 125 -6.18 20.03 -10.09
N GLY A 126 -5.86 20.25 -8.81
CA GLY A 126 -5.12 21.46 -8.40
C GLY A 126 -4.07 21.13 -7.36
N ASN A 127 -2.93 21.83 -7.46
CA ASN A 127 -1.83 21.64 -6.52
C ASN A 127 -1.19 22.95 -6.17
N VAL A 128 -0.72 23.07 -4.93
CA VAL A 128 0.01 24.25 -4.53
C VAL A 128 1.19 23.85 -3.66
N LEU A 129 2.38 24.28 -4.06
CA LEU A 129 3.60 24.01 -3.31
C LEU A 129 3.99 25.25 -2.54
N MET A 130 4.10 25.12 -1.21
CA MET A 130 4.26 26.29 -0.32
C MET A 130 5.48 26.15 0.60
N ASP A 131 6.21 27.25 0.79
CA ASP A 131 7.32 27.31 1.74
C ASP A 131 6.80 27.41 3.18
N ASN A 132 7.14 26.44 4.01
CA ASN A 132 6.54 26.35 5.34
C ASN A 132 6.97 27.48 6.22
N GLN A 133 8.15 28.05 5.95
CA GLN A 133 8.67 29.12 6.82
C GLN A 133 8.22 30.52 6.40
N THR A 134 7.71 30.66 5.18
CA THR A 134 7.30 31.99 4.71
C THR A 134 5.85 32.12 4.21
N GLY A 135 5.22 31.01 3.85
CA GLY A 135 3.93 31.10 3.15
C GLY A 135 4.04 31.39 1.65
N ALA A 136 5.26 31.50 1.14
CA ALA A 136 5.48 31.79 -0.28
C ALA A 136 5.08 30.60 -1.14
N ILE A 137 4.40 30.87 -2.25
CA ILE A 137 4.02 29.80 -3.16
C ILE A 137 5.07 29.64 -4.28
N LEU A 138 5.72 28.49 -4.31
CA LEU A 138 6.85 28.31 -5.20
C LEU A 138 6.35 27.86 -6.56
N GLY A 139 5.17 27.25 -6.58
CA GLY A 139 4.68 26.63 -7.80
C GLY A 139 3.30 26.05 -7.56
N PHE A 140 2.58 25.74 -8.64
CA PHE A 140 1.23 25.24 -8.51
C PHE A 140 0.77 24.62 -9.81
N VAL A 141 -0.31 23.86 -9.71
CA VAL A 141 -0.93 23.25 -10.87
C VAL A 141 -2.37 23.73 -10.88
N GLY A 142 -2.73 24.50 -11.91
CA GLY A 142 -4.08 25.02 -12.04
C GLY A 142 -5.07 24.03 -12.63
N GLY A 143 -4.56 23.01 -13.33
CA GLY A 143 -5.46 22.06 -13.96
C GLY A 143 -4.69 21.19 -14.94
N ARG A 144 -5.39 20.31 -15.64
CA ARG A 144 -4.79 19.34 -16.54
C ARG A 144 -4.24 20.07 -17.77
N ASN A 145 -4.97 21.05 -18.25
CA ASN A 145 -4.59 21.70 -19.50
C ASN A 145 -5.35 22.99 -19.76
N TYR A 146 -4.66 24.13 -19.59
CA TYR A 146 -5.34 25.43 -19.58
C TYR A 146 -6.09 25.70 -20.89
N GLN A 147 -5.49 25.26 -21.99
CA GLN A 147 -6.05 25.42 -23.34
C GLN A 147 -7.45 24.81 -23.43
N GLU A 148 -7.66 23.72 -22.70
CA GLU A 148 -8.88 22.94 -22.80
C GLU A 148 -9.87 23.37 -21.74
N ASN A 149 -9.37 23.66 -20.54
CA ASN A 149 -10.20 24.09 -19.41
C ASN A 149 -9.44 25.14 -18.61
N GLN A 150 -9.97 26.37 -18.61
CA GLN A 150 -9.27 27.49 -18.04
C GLN A 150 -9.51 27.59 -16.55
N ASN A 151 -10.39 26.77 -16.00
CA ASN A 151 -10.67 26.92 -14.57
C ASN A 151 -9.40 26.69 -13.76
N ASN A 152 -9.13 27.61 -12.84
CA ASN A 152 -7.99 27.46 -11.95
C ASN A 152 -8.32 26.71 -10.65
N HIS A 153 -7.83 25.47 -10.58
CA HIS A 153 -8.19 24.58 -9.50
C HIS A 153 -7.26 24.74 -8.30
N ALA A 154 -6.24 25.59 -8.43
CA ALA A 154 -5.37 25.89 -7.31
C ALA A 154 -5.88 27.05 -6.47
N PHE A 155 -6.45 28.06 -7.12
CA PHE A 155 -6.62 29.36 -6.50
C PHE A 155 -8.07 29.78 -6.47
N ASP A 156 -8.87 29.25 -7.39
CA ASP A 156 -10.25 29.71 -7.56
C ASP A 156 -11.29 28.75 -7.01
N THR A 157 -11.27 27.50 -7.45
CA THR A 157 -12.37 26.58 -7.17
C THR A 157 -12.37 26.16 -5.69
N LYS A 158 -13.55 26.09 -5.09
CA LYS A 158 -13.65 25.76 -3.66
C LYS A 158 -14.45 24.48 -3.48
N ARG A 159 -13.88 23.53 -2.73
CA ARG A 159 -14.52 22.24 -2.54
C ARG A 159 -14.36 21.92 -1.06
N SER A 160 -15.25 21.07 -0.54
CA SER A 160 -15.06 20.56 0.83
C SER A 160 -13.72 19.83 0.95
N PRO A 161 -12.93 20.18 1.98
CA PRO A 161 -11.65 19.50 2.24
C PRO A 161 -11.83 18.13 2.91
N ALA A 162 -13.08 17.77 3.19
CA ALA A 162 -13.42 16.46 3.74
C ALA A 162 -12.56 16.12 4.95
N SER A 163 -12.02 14.90 5.02
CA SER A 163 -11.31 14.46 6.23
C SER A 163 -9.97 15.19 6.48
N THR A 164 -9.44 15.93 5.51
CA THR A 164 -8.24 16.72 5.81
C THR A 164 -8.61 17.87 6.76
N THR A 165 -9.88 17.94 7.11
CA THR A 165 -10.34 18.93 8.07
C THR A 165 -9.97 18.51 9.48
N LYS A 166 -9.89 17.19 9.70
CA LYS A 166 -9.83 16.64 11.07
C LYS A 166 -8.61 17.03 11.91
N PRO A 167 -7.40 16.97 11.34
CA PRO A 167 -6.23 17.32 12.14
C PRO A 167 -6.30 18.77 12.58
N LEU A 168 -6.84 19.63 11.71
CA LEU A 168 -6.90 21.07 11.98
C LEU A 168 -7.99 21.45 12.97
N LEU A 169 -9.20 20.98 12.73
CA LEU A 169 -10.36 21.55 13.39
C LEU A 169 -10.78 20.72 14.60
N ALA A 170 -10.45 19.43 14.59
CA ALA A 170 -10.90 18.58 15.69
C ALA A 170 -9.73 18.16 16.57
N TYR A 171 -8.92 17.24 16.07
CA TYR A 171 -7.85 16.66 16.86
C TYR A 171 -6.83 17.67 17.31
N GLY A 172 -6.35 18.48 16.36
CA GLY A 172 -5.41 19.54 16.68
C GLY A 172 -5.86 20.41 17.83
N ILE A 173 -7.09 20.89 17.77
CA ILE A 173 -7.56 21.81 18.77
C ILE A 173 -7.74 21.12 20.13
N ALA A 174 -8.23 19.88 20.11
CA ALA A 174 -8.49 19.19 21.35
C ALA A 174 -7.16 18.96 22.06
N ILE A 175 -6.12 18.71 21.28
CA ILE A 175 -4.79 18.52 21.86
C ILE A 175 -4.25 19.83 22.43
N ASP A 176 -4.33 20.88 21.63
CA ASP A 176 -3.91 22.21 22.08
C ASP A 176 -4.64 22.62 23.32
N GLN A 177 -5.90 22.20 23.44
CA GLN A 177 -6.75 22.62 24.55
C GLN A 177 -6.53 21.75 25.78
N GLY A 178 -5.59 20.83 25.67
CA GLY A 178 -5.30 19.91 26.76
C GLY A 178 -6.43 18.95 27.05
N LEU A 179 -7.19 18.58 26.02
CA LEU A 179 -8.36 17.72 26.20
C LEU A 179 -8.10 16.35 25.66
N MET A 180 -6.93 16.18 25.05
CA MET A 180 -6.65 14.96 24.32
C MET A 180 -5.14 14.84 24.23
N GLY A 181 -4.66 13.60 24.20
CA GLY A 181 -3.26 13.36 23.91
C GLY A 181 -3.14 12.32 22.81
N SER A 182 -1.91 11.93 22.50
CA SER A 182 -1.64 11.21 21.28
C SER A 182 -2.15 9.78 21.33
N GLU A 183 -2.30 9.24 22.53
CA GLU A 183 -2.78 7.86 22.68
C GLU A 183 -4.15 7.84 23.34
N THR A 184 -4.81 9.00 23.35
CA THR A 184 -6.15 9.05 23.90
C THR A 184 -7.07 8.15 23.09
N ILE A 185 -8.07 7.57 23.75
CA ILE A 185 -8.98 6.63 23.09
C ILE A 185 -10.28 7.35 22.69
N LEU A 186 -10.82 7.00 21.52
CA LEU A 186 -12.07 7.59 21.03
C LEU A 186 -13.07 6.50 20.64
N SER A 187 -14.35 6.83 20.77
CA SER A 187 -15.41 5.92 20.33
C SER A 187 -15.56 5.96 18.82
N ASN A 188 -15.53 4.80 18.21
CA ASN A 188 -16.02 4.63 16.85
C ASN A 188 -17.24 3.68 16.84
N TYR A 189 -17.92 3.58 17.97
CA TYR A 189 -19.18 2.83 18.04
C TYR A 189 -20.29 3.51 17.22
N PRO A 190 -21.13 2.74 16.54
CA PRO A 190 -22.22 3.32 15.77
C PRO A 190 -22.90 4.46 16.52
N THR A 191 -23.16 5.56 15.82
CA THR A 191 -23.97 6.63 16.38
C THR A 191 -24.64 7.41 15.24
N ASN A 192 -25.71 8.12 15.56
CA ASN A 192 -26.50 8.81 14.56
C ASN A 192 -26.30 10.31 14.65
N PHE A 193 -26.44 11.01 13.54
CA PHE A 193 -26.72 12.44 13.57
C PHE A 193 -28.01 12.76 14.31
N ALA A 194 -28.25 14.03 14.59
CA ALA A 194 -29.45 14.44 15.31
C ALA A 194 -30.72 14.06 14.57
N ASN A 195 -30.62 13.99 13.24
CA ASN A 195 -31.79 13.65 12.43
C ASN A 195 -32.10 12.15 12.39
N GLY A 196 -31.19 11.32 12.89
CA GLY A 196 -31.49 9.88 13.02
C GLY A 196 -30.69 9.02 12.06
N ASN A 197 -30.08 9.64 11.06
CA ASN A 197 -29.15 8.94 10.17
C ASN A 197 -27.84 8.53 10.82
N PRO A 198 -27.47 7.29 10.59
CA PRO A 198 -26.14 6.78 10.93
C PRO A 198 -25.02 7.66 10.41
N ILE A 199 -24.01 7.88 11.24
CA ILE A 199 -22.77 8.50 10.78
C ILE A 199 -21.93 7.42 10.11
N MET A 200 -21.70 7.56 8.81
CA MET A 200 -21.13 6.49 8.01
C MET A 200 -19.64 6.69 7.79
N TYR A 201 -18.95 5.60 7.53
CA TYR A 201 -17.61 5.66 7.01
C TYR A 201 -17.59 4.67 5.88
N ALA A 202 -17.66 5.17 4.65
CA ALA A 202 -18.03 4.34 3.50
C ALA A 202 -19.30 3.55 3.79
N ASN A 203 -19.18 2.23 3.87
CA ASN A 203 -20.32 1.40 4.20
C ASN A 203 -20.31 0.89 5.62
N SER A 204 -19.32 1.29 6.40
CA SER A 204 -19.32 0.93 7.82
C SER A 204 -20.12 1.91 8.71
N LYS A 205 -20.87 1.35 9.65
CA LYS A 205 -21.57 2.14 10.64
C LYS A 205 -20.76 2.36 11.91
N GLY A 206 -19.52 1.84 11.91
CA GLY A 206 -18.64 1.99 13.06
C GLY A 206 -18.11 0.67 13.60
N THR A 207 -17.26 0.73 14.62
CA THR A 207 -16.72 -0.48 15.23
C THR A 207 -16.75 -0.35 16.74
N GLY A 208 -15.61 -0.04 17.36
CA GLY A 208 -15.55 0.11 18.82
C GLY A 208 -14.60 1.23 19.24
N MET A 209 -13.95 1.08 20.39
CA MET A 209 -13.00 2.08 20.86
C MET A 209 -11.72 2.00 20.05
N MET A 210 -10.98 3.10 19.99
CA MET A 210 -9.72 3.10 19.22
C MET A 210 -8.86 4.27 19.61
N THR A 211 -7.54 4.09 19.48
CA THR A 211 -6.60 5.20 19.68
C THR A 211 -6.81 6.32 18.66
N LEU A 212 -6.39 7.52 19.02
CA LEU A 212 -6.34 8.62 18.05
C LEU A 212 -5.52 8.27 16.80
N GLY A 213 -4.45 7.50 17.00
CA GLY A 213 -3.64 7.04 15.87
C GLY A 213 -4.46 6.24 14.87
N GLU A 214 -5.18 5.24 15.37
CA GLU A 214 -5.99 4.42 14.47
C GLU A 214 -7.12 5.24 13.81
N ALA A 215 -7.75 6.12 14.59
CA ALA A 215 -8.74 7.04 14.03
C ALA A 215 -8.18 7.85 12.87
N LEU A 216 -6.98 8.40 13.06
CA LEU A 216 -6.31 9.17 12.01
C LEU A 216 -5.84 8.32 10.82
N ASN A 217 -5.23 7.16 11.06
CA ASN A 217 -4.69 6.35 9.96
C ASN A 217 -5.81 5.89 9.05
N TYR A 218 -6.93 5.50 9.66
CA TYR A 218 -8.08 5.02 8.88
C TYR A 218 -8.99 6.18 8.45
N SER A 219 -8.96 7.29 9.19
CA SER A 219 -9.82 8.43 8.89
C SER A 219 -11.28 8.14 9.18
N TRP A 220 -11.55 7.39 10.23
CA TRP A 220 -12.92 7.15 10.68
C TRP A 220 -13.58 8.47 11.00
N ASN A 221 -14.90 8.50 10.94
CA ASN A 221 -15.66 9.74 11.04
C ASN A 221 -16.23 9.95 12.42
N ILE A 222 -16.68 8.87 13.05
CA ILE A 222 -17.36 9.00 14.33
C ILE A 222 -16.48 9.64 15.42
N PRO A 223 -15.20 9.27 15.49
CA PRO A 223 -14.26 9.89 16.47
C PRO A 223 -14.18 11.42 16.32
N ALA A 224 -14.17 11.88 15.07
CA ALA A 224 -14.09 13.33 14.80
C ALA A 224 -15.38 14.04 15.23
N TYR A 225 -16.52 13.44 14.89
CA TYR A 225 -17.80 13.92 15.40
C TYR A 225 -17.76 14.14 16.91
N TRP A 226 -17.36 13.12 17.65
CA TRP A 226 -17.39 13.26 19.12
C TRP A 226 -16.37 14.32 19.57
N THR A 227 -15.23 14.34 18.91
CA THR A 227 -14.19 15.30 19.28
C THR A 227 -14.71 16.72 19.16
N TYR A 228 -15.35 17.03 18.04
CA TYR A 228 -15.87 18.38 17.84
C TYR A 228 -16.99 18.71 18.81
N ARG A 229 -17.84 17.72 19.08
N ARG A 229 -17.82 17.72 19.12
CA ARG A 229 -18.88 17.85 20.09
CA ARG A 229 -18.89 17.94 20.08
C ARG A 229 -18.30 18.24 21.44
C ARG A 229 -18.37 18.15 21.51
N MET A 230 -17.23 17.53 21.82
CA MET A 230 -16.52 17.83 23.06
C MET A 230 -15.99 19.27 23.09
N LEU A 231 -15.39 19.71 21.99
CA LEU A 231 -14.95 21.10 21.87
C LEU A 231 -16.11 22.07 22.13
N ARG A 232 -17.28 21.78 21.55
CA ARG A 232 -18.47 22.63 21.73
C ARG A 232 -18.86 22.67 23.20
N GLU A 233 -19.01 21.49 23.79
CA GLU A 233 -19.39 21.36 25.18
C GLU A 233 -18.44 22.13 26.09
N ASN A 234 -17.16 22.15 25.75
CA ASN A 234 -16.17 22.89 26.53
C ASN A 234 -16.12 24.39 26.23
N GLY A 235 -16.90 24.85 25.26
CA GLY A 235 -16.89 26.27 24.90
C GLY A 235 -15.63 26.74 24.16
N VAL A 236 -14.92 25.82 23.52
CA VAL A 236 -13.68 26.18 22.87
C VAL A 236 -13.92 27.14 21.70
N ASP A 237 -13.09 28.18 21.58
CA ASP A 237 -13.20 29.12 20.47
C ASP A 237 -12.60 28.52 19.18
N VAL A 238 -13.32 27.58 18.60
CA VAL A 238 -12.82 26.87 17.44
C VAL A 238 -12.60 27.83 16.29
N LYS A 239 -13.53 28.76 16.13
CA LYS A 239 -13.53 29.73 15.06
C LYS A 239 -12.27 30.61 15.10
N GLY A 240 -11.85 30.98 16.32
CA GLY A 240 -10.66 31.81 16.52
C GLY A 240 -9.43 31.17 15.91
N TYR A 241 -9.29 29.86 16.11
CA TYR A 241 -8.20 29.12 15.49
C TYR A 241 -8.30 29.20 13.96
N MET A 242 -9.47 28.86 13.43
CA MET A 242 -9.56 28.64 11.99
C MET A 242 -9.36 29.96 11.24
N GLU A 243 -9.88 31.03 11.82
CA GLU A 243 -9.75 32.38 11.26
C GLU A 243 -8.33 32.92 11.30
N LYS A 244 -7.54 32.47 12.28
CA LYS A 244 -6.13 32.86 12.32
C LYS A 244 -5.36 32.23 11.18
N MET A 245 -5.83 31.08 10.71
CA MET A 245 -5.29 30.50 9.48
C MET A 245 -5.96 30.97 8.19
N GLY A 246 -6.94 31.87 8.32
CA GLY A 246 -7.57 32.50 7.15
C GLY A 246 -8.69 31.68 6.53
N TYR A 247 -9.23 30.72 7.28
CA TYR A 247 -10.40 29.98 6.81
C TYR A 247 -11.65 30.82 7.07
N GLU A 248 -12.56 30.83 6.10
CA GLU A 248 -13.83 31.51 6.25
C GLU A 248 -14.93 30.48 6.22
N ILE A 249 -15.41 30.11 7.41
CA ILE A 249 -16.48 29.14 7.59
C ILE A 249 -17.68 29.91 8.16
N PRO A 250 -18.80 29.92 7.45
CA PRO A 250 -19.90 30.82 7.80
C PRO A 250 -20.73 30.28 8.97
N GLU A 251 -20.73 28.98 9.19
CA GLU A 251 -21.53 28.40 10.25
C GLU A 251 -20.81 27.24 10.94
N TYR A 252 -20.51 27.44 12.22
CA TYR A 252 -19.77 26.48 13.02
C TYR A 252 -20.67 25.45 13.67
N GLY A 253 -21.96 25.77 13.74
CA GLY A 253 -22.94 24.89 14.37
C GLY A 253 -23.41 23.80 13.43
N ILE A 254 -22.49 22.89 13.10
CA ILE A 254 -22.78 21.83 12.15
C ILE A 254 -22.15 20.52 12.59
N GLU A 255 -22.96 19.48 12.67
CA GLU A 255 -22.50 18.23 13.24
C GLU A 255 -21.35 17.65 12.48
N SER A 256 -21.34 17.87 11.18
CA SER A 256 -20.35 17.20 10.32
C SER A 256 -19.20 18.15 9.98
N LEU A 257 -19.08 19.23 10.73
CA LEU A 257 -18.04 20.22 10.42
C LEU A 257 -16.64 19.59 10.38
N PRO A 258 -16.31 18.77 11.37
CA PRO A 258 -14.96 18.21 11.46
C PRO A 258 -14.70 17.21 10.35
N MET A 259 -15.75 16.83 9.63
CA MET A 259 -15.62 15.96 8.47
C MET A 259 -15.64 16.77 7.19
N GLY A 260 -15.67 18.09 7.33
CA GLY A 260 -15.62 18.96 6.17
C GLY A 260 -16.99 19.42 5.69
N GLY A 261 -18.05 19.07 6.42
CA GLY A 261 -19.34 19.62 6.12
C GLY A 261 -19.40 21.11 6.43
N GLY A 262 -19.92 21.89 5.49
CA GLY A 262 -20.09 23.34 5.67
C GLY A 262 -18.78 24.09 5.51
N ILE A 263 -17.79 23.42 4.96
CA ILE A 263 -16.52 24.06 4.62
C ILE A 263 -16.25 23.85 3.15
N GLU A 264 -15.85 24.92 2.45
CA GLU A 264 -15.36 24.83 1.08
C GLU A 264 -14.12 25.70 0.95
N VAL A 265 -13.07 25.18 0.35
CA VAL A 265 -11.79 25.87 0.36
C VAL A 265 -11.07 25.72 -0.96
N THR A 266 -10.25 26.70 -1.30
CA THR A 266 -9.31 26.55 -2.39
C THR A 266 -8.16 25.68 -1.94
N VAL A 267 -7.41 25.12 -2.90
CA VAL A 267 -6.19 24.40 -2.59
C VAL A 267 -5.13 25.29 -1.93
N ALA A 268 -5.02 26.53 -2.38
CA ALA A 268 -4.02 27.44 -1.85
C ALA A 268 -4.28 27.70 -0.36
N GLN A 269 -5.54 27.88 0.00
CA GLN A 269 -5.89 28.22 1.39
C GLN A 269 -5.70 27.01 2.29
N HIS A 270 -6.10 25.84 1.81
CA HIS A 270 -5.99 24.66 2.63
C HIS A 270 -4.55 24.27 2.85
N THR A 271 -3.73 24.46 1.82
CA THR A 271 -2.29 24.27 1.93
C THR A 271 -1.72 25.12 3.10
N ASN A 272 -2.25 26.34 3.26
CA ASN A 272 -1.84 27.23 4.32
C ASN A 272 -2.14 26.64 5.70
N GLY A 273 -3.19 25.85 5.79
CA GLY A 273 -3.54 25.21 7.07
C GLY A 273 -2.52 24.15 7.41
N TYR A 274 -2.11 23.39 6.41
CA TYR A 274 -1.12 22.35 6.65
C TYR A 274 0.29 22.94 6.83
N GLN A 275 0.54 24.07 6.19
CA GLN A 275 1.76 24.87 6.44
C GLN A 275 1.85 25.23 7.94
N THR A 276 0.72 25.60 8.52
CA THR A 276 0.68 25.92 9.93
C THR A 276 1.10 24.75 10.82
N LEU A 277 0.58 23.56 10.54
CA LEU A 277 0.94 22.42 11.35
C LEU A 277 2.41 22.11 11.13
N ALA A 278 2.84 22.22 9.88
CA ALA A 278 4.18 21.75 9.52
C ALA A 278 5.23 22.66 10.13
N ASN A 279 4.91 23.95 10.22
CA ASN A 279 5.85 24.96 10.74
C ASN A 279 5.71 25.10 12.25
N ASN A 280 5.49 23.98 12.94
CA ASN A 280 5.41 23.98 14.41
C ASN A 280 4.38 24.93 14.99
N GLY A 281 3.29 25.12 14.25
CA GLY A 281 2.14 25.80 14.81
C GLY A 281 2.06 27.23 14.37
N VAL A 282 3.07 27.68 13.61
CA VAL A 282 3.15 29.08 13.23
C VAL A 282 2.63 29.35 11.81
N TYR A 283 1.59 30.18 11.71
CA TYR A 283 0.97 30.53 10.44
C TYR A 283 1.77 31.65 9.76
N HIS A 284 2.03 31.51 8.47
CA HIS A 284 2.43 32.62 7.61
C HIS A 284 1.46 32.70 6.44
N GLN A 285 0.89 33.87 6.20
CA GLN A 285 -0.08 34.04 5.12
C GLN A 285 0.46 33.64 3.74
N LYS A 286 -0.27 32.77 3.06
CA LYS A 286 0.12 32.35 1.70
C LYS A 286 0.21 33.61 0.80
N HIS A 287 1.12 33.60 -0.18
CA HIS A 287 1.17 34.67 -1.17
C HIS A 287 1.95 34.25 -2.40
N VAL A 288 1.58 34.84 -3.53
CA VAL A 288 2.28 34.67 -4.81
C VAL A 288 3.03 35.95 -5.20
N ILE A 289 2.55 37.10 -4.73
CA ILE A 289 3.19 38.40 -5.02
C ILE A 289 4.01 38.83 -3.81
N SER A 290 5.29 39.08 -4.00
CA SER A 290 6.09 39.50 -2.86
C SER A 290 6.30 41.01 -2.90
N LYS A 291 6.21 41.59 -4.10
CA LYS A 291 6.48 43.02 -4.32
C LYS A 291 6.00 43.49 -5.69
N ILE A 292 5.53 44.74 -5.73
CA ILE A 292 5.29 45.44 -6.98
C ILE A 292 5.99 46.81 -6.95
N GLU A 293 6.82 47.07 -7.96
CA GLU A 293 7.58 48.30 -8.04
C GLU A 293 7.20 49.05 -9.30
N ALA A 294 6.96 50.35 -9.18
CA ALA A 294 6.89 51.25 -10.32
C ALA A 294 8.21 51.17 -11.04
N ALA A 295 8.22 51.52 -12.32
CA ALA A 295 9.47 51.50 -13.08
C ALA A 295 10.57 52.27 -12.35
N ASP A 296 10.21 53.36 -11.67
CA ASP A 296 11.22 54.22 -11.05
C ASP A 296 11.65 53.78 -9.63
N GLY A 297 11.08 52.69 -9.16
CA GLY A 297 11.52 52.10 -7.91
C GLY A 297 10.53 52.26 -6.77
N ARG A 298 9.52 53.11 -6.95
CA ARG A 298 8.53 53.30 -5.90
C ARG A 298 7.85 51.96 -5.61
N VAL A 299 7.72 51.62 -4.33
CA VAL A 299 7.04 50.38 -3.93
C VAL A 299 5.53 50.57 -3.84
N VAL A 300 4.81 50.11 -4.86
CA VAL A 300 3.35 50.14 -4.86
C VAL A 300 2.75 49.13 -3.87
N TYR A 301 3.37 47.94 -3.76
CA TYR A 301 2.95 46.92 -2.80
C TYR A 301 4.13 46.07 -2.33
N GLU A 302 4.15 45.73 -1.05
CA GLU A 302 5.14 44.81 -0.52
C GLU A 302 4.57 43.86 0.51
N TYR A 303 4.64 42.56 0.23
CA TYR A 303 4.13 41.57 1.17
C TYR A 303 4.71 41.78 2.56
N GLN A 304 3.85 41.90 3.56
CA GLN A 304 4.28 42.04 4.95
C GLN A 304 3.99 40.74 5.72
N ASP A 305 5.04 40.07 6.20
CA ASP A 305 4.86 38.86 7.00
C ASP A 305 4.32 39.16 8.39
N LYS A 306 3.24 38.47 8.77
CA LYS A 306 2.67 38.56 10.10
C LYS A 306 2.50 37.17 10.71
N PRO A 307 3.57 36.61 11.27
CA PRO A 307 3.50 35.26 11.88
C PRO A 307 2.51 35.17 13.06
N VAL A 308 1.84 34.03 13.18
CA VAL A 308 0.95 33.81 14.31
C VAL A 308 1.10 32.39 14.88
N GLN A 309 1.27 32.27 16.20
CA GLN A 309 1.35 30.96 16.84
C GLN A 309 -0.08 30.43 17.01
N VAL A 310 -0.54 29.61 16.05
CA VAL A 310 -1.95 29.17 16.04
C VAL A 310 -2.20 28.01 16.99
N TYR A 311 -1.36 26.99 16.86
CA TYR A 311 -1.28 25.89 17.81
C TYR A 311 0.02 26.07 18.61
N SER A 312 0.05 25.54 19.82
CA SER A 312 1.30 25.57 20.55
C SER A 312 2.28 24.66 19.81
N LYS A 313 3.57 24.91 19.97
CA LYS A 313 4.61 24.01 19.43
C LYS A 313 4.43 22.55 19.86
N ALA A 314 4.00 22.33 21.10
CA ALA A 314 3.68 20.99 21.58
C ALA A 314 2.64 20.30 20.69
N THR A 315 1.53 20.99 20.46
CA THR A 315 0.41 20.41 19.74
C THR A 315 0.87 20.05 18.31
N ALA A 316 1.50 21.01 17.66
CA ALA A 316 1.85 20.87 16.26
C ALA A 316 2.82 19.72 16.07
N THR A 317 3.83 19.62 16.94
CA THR A 317 4.83 18.55 16.84
C THR A 317 4.25 17.19 17.21
N ILE A 318 3.29 17.16 18.14
CA ILE A 318 2.53 15.91 18.36
C ILE A 318 1.73 15.52 17.11
N MET A 319 0.97 16.46 16.56
CA MET A 319 0.26 16.21 15.29
C MET A 319 1.19 15.72 14.18
N GLN A 320 2.36 16.35 14.03
CA GLN A 320 3.31 15.92 12.99
C GLN A 320 3.58 14.43 13.15
N GLY A 321 3.80 14.00 14.41
CA GLY A 321 4.15 12.61 14.67
C GLY A 321 3.01 11.71 14.26
N LEU A 322 1.78 12.15 14.51
CA LEU A 322 0.63 11.35 14.12
C LEU A 322 0.49 11.29 12.59
N LEU A 323 0.73 12.41 11.92
CA LEU A 323 0.52 12.44 10.46
C LEU A 323 1.63 11.73 9.71
N ARG A 324 2.80 11.59 10.35
CA ARG A 324 3.84 10.72 9.79
C ARG A 324 3.33 9.29 9.63
N GLU A 325 2.61 8.80 10.65
CA GLU A 325 2.04 7.43 10.60
C GLU A 325 0.81 7.28 9.69
N VAL A 326 0.10 8.38 9.43
CA VAL A 326 -0.97 8.36 8.42
C VAL A 326 -0.38 7.90 7.10
N LEU A 327 0.75 8.47 6.70
CA LEU A 327 1.35 8.09 5.41
C LEU A 327 2.05 6.71 5.51
N SER A 328 2.77 6.47 6.59
CA SER A 328 3.55 5.25 6.67
C SER A 328 2.68 4.01 6.85
N SER A 329 1.52 4.18 7.49
CA SER A 329 0.57 3.06 7.61
C SER A 329 -0.04 2.65 6.28
N ARG A 330 -0.04 3.55 5.29
CA ARG A 330 -0.60 3.26 3.96
C ARG A 330 -2.04 2.79 3.91
N VAL A 331 -2.84 3.12 4.91
CA VAL A 331 -4.23 2.66 4.93
C VAL A 331 -5.09 3.44 3.92
N THR A 332 -4.92 4.76 3.87
CA THR A 332 -5.76 5.54 2.97
C THR A 332 -5.02 6.13 1.80
N THR A 333 -3.73 5.84 1.67
CA THR A 333 -2.96 6.32 0.53
C THR A 333 -1.76 5.41 0.26
N THR A 334 -1.45 5.18 -1.02
CA THR A 334 -0.31 4.35 -1.41
C THR A 334 0.91 5.23 -1.61
N PHE A 335 0.77 6.50 -1.29
CA PHE A 335 1.82 7.49 -1.59
C PHE A 335 3.24 7.03 -1.25
N LYS A 336 3.48 6.63 0.00
CA LYS A 336 4.85 6.24 0.40
C LYS A 336 5.39 5.09 -0.42
N SER A 337 4.52 4.17 -0.82
CA SER A 337 4.97 3.09 -1.73
C SER A 337 5.29 3.65 -3.11
N ASN A 338 4.42 4.52 -3.62
CA ASN A 338 4.60 5.11 -4.94
C ASN A 338 5.93 5.87 -4.98
N LEU A 339 6.18 6.69 -3.96
CA LEU A 339 7.36 7.51 -3.95
C LEU A 339 8.64 6.72 -3.71
N THR A 340 8.57 5.69 -2.86
CA THR A 340 9.72 4.80 -2.65
C THR A 340 10.27 4.24 -3.97
N SER A 341 9.36 3.81 -4.83
CA SER A 341 9.77 3.27 -6.11
C SER A 341 10.32 4.32 -7.08
N LEU A 342 9.75 5.52 -7.06
CA LEU A 342 10.27 6.57 -7.94
C LEU A 342 11.61 7.12 -7.45
N ASN A 343 11.78 7.20 -6.13
CA ASN A 343 12.89 7.99 -5.59
C ASN A 343 13.06 7.69 -4.10
N PRO A 344 13.75 6.58 -3.82
CA PRO A 344 13.77 5.99 -2.49
C PRO A 344 14.46 6.93 -1.51
N THR A 345 15.47 7.63 -2.01
CA THR A 345 16.14 8.64 -1.19
C THR A 345 15.21 9.81 -0.81
N LEU A 346 14.37 10.28 -1.74
CA LEU A 346 13.37 11.31 -1.37
C LEU A 346 12.31 10.72 -0.40
N ALA A 347 11.91 9.48 -0.64
CA ALA A 347 10.92 8.84 0.24
C ALA A 347 11.42 8.72 1.68
N ASN A 348 12.73 8.82 1.88
CA ASN A 348 13.31 8.82 3.24
C ASN A 348 13.32 10.18 3.92
N ALA A 349 13.06 11.25 3.18
CA ALA A 349 12.83 12.52 3.84
C ALA A 349 11.62 12.36 4.78
N ASP A 350 11.41 13.32 5.66
CA ASP A 350 10.42 13.15 6.73
C ASP A 350 9.04 13.63 6.31
N TRP A 351 8.36 12.80 5.52
CA TRP A 351 7.02 13.09 4.99
C TRP A 351 5.94 12.88 6.06
N ILE A 352 5.02 13.84 6.17
CA ILE A 352 3.77 13.63 6.93
C ILE A 352 2.61 14.10 6.05
N GLY A 353 1.39 13.65 6.34
CA GLY A 353 0.26 13.99 5.46
C GLY A 353 -1.10 13.49 5.89
N LYS A 354 -2.12 13.84 5.12
CA LYS A 354 -3.48 13.44 5.42
C LYS A 354 -4.26 13.38 4.11
N THR A 355 -5.12 12.39 3.97
CA THR A 355 -6.02 12.31 2.81
C THR A 355 -7.38 12.78 3.18
N GLY A 356 -8.22 12.94 2.17
CA GLY A 356 -9.64 13.25 2.41
C GLY A 356 -10.49 12.78 1.27
N THR A 357 -11.73 12.40 1.57
CA THR A 357 -12.67 11.87 0.56
C THR A 357 -14.07 12.39 0.93
N THR A 358 -14.73 13.09 0.00
CA THR A 358 -16.07 13.59 0.30
C THR A 358 -17.09 12.46 0.22
N GLY A 359 -18.32 12.78 0.62
CA GLY A 359 -19.32 11.76 0.93
C GLY A 359 -19.59 10.82 -0.23
N GLN A 360 -19.68 11.36 -1.44
CA GLN A 360 -19.91 10.50 -2.60
C GLN A 360 -18.69 10.38 -3.51
N ASP A 361 -17.49 10.39 -2.91
CA ASP A 361 -16.26 10.29 -3.68
C ASP A 361 -16.17 11.42 -4.72
N GLU A 362 -16.76 12.58 -4.42
CA GLU A 362 -16.70 13.71 -5.36
C GLU A 362 -15.36 14.47 -5.35
N ASN A 363 -14.66 14.45 -4.22
CA ASN A 363 -13.41 15.20 -4.08
C ASN A 363 -12.43 14.37 -3.30
N MET A 364 -11.20 14.29 -3.81
CA MET A 364 -10.13 13.62 -3.09
C MET A 364 -9.05 14.65 -2.80
N TRP A 365 -8.52 14.59 -1.58
CA TRP A 365 -7.44 15.50 -1.17
C TRP A 365 -6.28 14.65 -0.69
N LEU A 366 -5.07 15.13 -0.94
CA LEU A 366 -3.92 14.62 -0.24
C LEU A 366 -3.02 15.79 0.08
N MET A 367 -2.76 16.01 1.37
CA MET A 367 -1.91 17.09 1.83
C MET A 367 -0.59 16.51 2.36
N LEU A 368 0.53 17.00 1.84
CA LEU A 368 1.86 16.48 2.18
C LEU A 368 2.78 17.57 2.74
N SER A 369 3.60 17.21 3.73
CA SER A 369 4.62 18.13 4.24
C SER A 369 5.93 17.42 4.55
N THR A 370 7.04 18.11 4.27
CA THR A 370 8.31 17.91 4.98
C THR A 370 8.49 19.17 5.81
N PRO A 371 9.51 19.23 6.68
CA PRO A 371 9.62 20.42 7.49
C PRO A 371 9.80 21.69 6.62
N ARG A 372 10.31 21.54 5.40
CA ARG A 372 10.55 22.73 4.57
C ARG A 372 9.34 23.15 3.74
N LEU A 373 8.64 22.19 3.16
CA LEU A 373 7.57 22.50 2.21
C LEU A 373 6.25 21.84 2.54
N THR A 374 5.16 22.42 2.05
CA THR A 374 3.89 21.75 2.05
C THR A 374 3.31 21.71 0.63
N LEU A 375 2.83 20.54 0.22
CA LEU A 375 2.21 20.40 -1.10
C LEU A 375 0.78 19.93 -0.93
N GLY A 376 -0.17 20.77 -1.29
CA GLY A 376 -1.58 20.38 -1.21
C GLY A 376 -2.07 19.87 -2.55
N GLY A 377 -2.97 18.90 -2.55
CA GLY A 377 -3.52 18.42 -3.83
C GLY A 377 -5.00 18.06 -3.71
N TRP A 378 -5.76 18.48 -4.71
CA TRP A 378 -7.15 18.12 -4.83
C TRP A 378 -7.37 17.51 -6.21
N ILE A 379 -8.28 16.54 -6.30
CA ILE A 379 -8.80 16.11 -7.60
C ILE A 379 -10.29 15.94 -7.50
N GLY A 380 -10.97 16.09 -8.64
CA GLY A 380 -12.42 16.07 -8.68
C GLY A 380 -12.91 16.40 -10.07
N HIS A 381 -14.22 16.60 -10.20
CA HIS A 381 -14.80 16.95 -11.48
C HIS A 381 -15.42 18.33 -11.38
N ASP A 382 -15.33 19.10 -12.45
CA ASP A 382 -15.85 20.47 -12.43
C ASP A 382 -17.36 20.52 -12.09
N ASP A 383 -18.12 19.54 -12.57
CA ASP A 383 -19.54 19.48 -12.24
C ASP A 383 -19.85 18.66 -10.98
N ASN A 384 -18.83 18.27 -10.23
CA ASN A 384 -19.02 17.64 -8.91
C ASN A 384 -19.61 16.23 -8.92
N HIS A 385 -19.53 15.53 -10.04
CA HIS A 385 -19.91 14.12 -10.02
C HIS A 385 -18.83 13.21 -9.42
N SER A 386 -19.22 11.99 -9.08
CA SER A 386 -18.35 11.08 -8.32
C SER A 386 -17.09 10.67 -9.07
N LEU A 387 -16.01 10.49 -8.32
CA LEU A 387 -14.83 9.78 -8.78
C LEU A 387 -15.00 8.30 -8.41
N SER A 388 -14.07 7.46 -8.84
CA SER A 388 -14.02 6.08 -8.40
C SER A 388 -13.58 5.91 -6.94
N GLN A 389 -13.82 4.73 -6.40
CA GLN A 389 -13.54 4.48 -4.99
C GLN A 389 -12.06 4.67 -4.68
N GLN A 390 -11.20 4.32 -5.64
CA GLN A 390 -9.76 4.34 -5.40
C GLN A 390 -9.05 5.59 -5.91
N ALA A 391 -9.80 6.57 -6.39
CA ALA A 391 -9.18 7.75 -7.01
C ALA A 391 -8.21 8.45 -6.05
N GLY A 392 -8.60 8.57 -4.79
CA GLY A 392 -7.71 9.22 -3.80
C GLY A 392 -6.62 8.27 -3.31
N TYR A 393 -7.03 7.10 -2.87
CA TYR A 393 -6.14 6.07 -2.32
C TYR A 393 -4.95 5.79 -3.24
N SER A 394 -5.23 5.58 -4.51
CA SER A 394 -4.18 5.15 -5.43
C SER A 394 -3.84 6.20 -6.50
N ASN A 395 -4.81 6.59 -7.33
CA ASN A 395 -4.54 7.50 -8.47
C ASN A 395 -3.86 8.79 -8.04
N ASN A 396 -4.52 9.54 -7.18
CA ASN A 396 -3.98 10.84 -6.80
C ASN A 396 -2.62 10.68 -6.08
N SER A 397 -2.49 9.60 -5.30
CA SER A 397 -1.25 9.31 -4.56
C SER A 397 -0.11 9.03 -5.53
N ASN A 398 -0.41 8.25 -6.56
CA ASN A 398 0.60 7.99 -7.59
C ASN A 398 0.95 9.28 -8.35
N TYR A 399 -0.06 10.05 -8.72
CA TYR A 399 0.18 11.31 -9.42
C TYR A 399 1.03 12.27 -8.58
N MET A 400 0.71 12.37 -7.29
CA MET A 400 1.42 13.29 -6.41
C MET A 400 2.83 12.85 -6.11
N ALA A 401 3.07 11.54 -6.09
CA ALA A 401 4.42 11.01 -6.02
C ALA A 401 5.24 11.42 -7.23
N HIS A 402 4.65 11.35 -8.42
CA HIS A 402 5.32 11.87 -9.63
C HIS A 402 5.55 13.36 -9.56
N LEU A 403 4.57 14.10 -9.04
CA LEU A 403 4.68 15.56 -8.93
C LEU A 403 5.82 15.90 -7.98
N VAL A 404 5.87 15.21 -6.84
CA VAL A 404 6.88 15.50 -5.82
C VAL A 404 8.27 15.18 -6.35
N ASN A 405 8.36 14.11 -7.12
CA ASN A 405 9.63 13.71 -7.71
C ASN A 405 10.09 14.70 -8.76
N ALA A 406 9.15 15.21 -9.56
CA ALA A 406 9.47 16.20 -10.58
C ALA A 406 10.05 17.46 -9.94
N ILE A 407 9.46 17.86 -8.82
CA ILE A 407 9.87 19.05 -8.06
C ILE A 407 11.31 18.90 -7.55
N GLN A 408 11.59 17.75 -6.94
CA GLN A 408 12.93 17.44 -6.43
C GLN A 408 13.99 17.40 -7.52
N GLN A 409 13.67 16.78 -8.65
CA GLN A 409 14.63 16.74 -9.76
C GLN A 409 14.98 18.15 -10.21
N ALA A 410 13.98 19.02 -10.28
CA ALA A 410 14.21 20.39 -10.75
C ALA A 410 15.02 21.21 -9.74
N SER A 411 14.91 20.88 -8.46
CA SER A 411 15.57 21.61 -7.38
C SER A 411 15.90 20.66 -6.20
N PRO A 412 17.07 20.04 -6.23
CA PRO A 412 17.28 18.79 -5.52
C PRO A 412 17.24 18.89 -3.99
N SER A 413 17.42 20.11 -3.47
CA SER A 413 17.47 20.31 -2.02
C SER A 413 16.21 20.95 -1.44
N ILE A 414 15.21 21.21 -2.28
CA ILE A 414 14.10 22.08 -1.89
C ILE A 414 13.27 21.44 -0.78
N TRP A 415 13.11 20.10 -0.82
CA TRP A 415 12.31 19.37 0.19
C TRP A 415 12.98 19.27 1.55
N GLY A 416 14.32 19.21 1.56
CA GLY A 416 15.10 19.18 2.81
C GLY A 416 15.26 17.77 3.35
N ASN A 417 16.22 17.60 4.25
CA ASN A 417 16.39 16.35 4.99
C ASN A 417 16.19 16.53 6.50
N GLU A 418 15.70 17.70 6.93
CA GLU A 418 15.36 17.89 8.33
C GLU A 418 14.29 16.90 8.80
N ARG A 419 14.22 16.65 10.10
CA ARG A 419 13.20 15.75 10.64
C ARG A 419 12.25 16.57 11.48
N PHE A 420 10.96 16.27 11.42
CA PHE A 420 10.01 16.75 12.43
C PHE A 420 10.40 16.11 13.78
N ALA A 421 10.29 16.86 14.86
CA ALA A 421 10.64 16.37 16.19
C ALA A 421 9.71 16.95 17.27
N LEU A 422 9.34 16.11 18.23
CA LEU A 422 8.68 16.61 19.44
C LEU A 422 9.39 17.81 20.04
N ASP A 423 8.63 18.87 20.26
CA ASP A 423 9.15 20.03 20.95
C ASP A 423 9.35 19.70 22.43
N PRO A 424 10.37 20.28 23.06
CA PRO A 424 10.73 19.94 24.44
C PRO A 424 9.58 20.21 25.41
N SER A 425 8.76 21.21 25.10
CA SER A 425 7.58 21.53 25.92
C SER A 425 6.51 20.42 25.90
N VAL A 426 6.72 19.38 25.11
CA VAL A 426 5.78 18.27 25.10
C VAL A 426 5.83 17.47 26.42
N VAL A 427 4.65 17.16 26.95
CA VAL A 427 4.53 16.35 28.16
C VAL A 427 4.26 14.88 27.83
N LYS A 428 4.98 13.97 28.48
CA LYS A 428 4.85 12.53 28.22
C LYS A 428 4.30 11.77 29.43
N SER A 429 3.18 11.05 29.27
CA SER A 429 2.65 10.22 30.35
C SER A 429 2.55 8.77 29.94
N GLU A 430 2.79 7.88 30.90
CA GLU A 430 2.51 6.45 30.73
C GLU A 430 1.05 6.20 31.02
N VAL A 431 0.35 5.61 30.05
CA VAL A 431 -1.08 5.36 30.17
C VAL A 431 -1.38 3.93 29.73
N LEU A 432 -2.58 3.44 30.04
CA LEU A 432 -2.98 2.11 29.64
C LEU A 432 -3.28 2.11 28.16
N LYS A 433 -2.74 1.13 27.44
CA LYS A 433 -3.10 0.95 26.03
CA LYS A 433 -3.10 0.97 26.04
C LYS A 433 -4.61 0.91 25.90
N SER A 434 -5.28 0.29 26.88
CA SER A 434 -6.71 0.05 26.81
C SER A 434 -7.52 1.31 27.04
N THR A 435 -7.13 2.11 28.03
CA THR A 435 -7.91 3.32 28.32
C THR A 435 -7.32 4.64 27.82
N GLY A 436 -6.05 4.63 27.45
CA GLY A 436 -5.37 5.88 27.07
C GLY A 436 -5.28 6.85 28.24
N GLN A 437 -5.43 6.32 29.45
CA GLN A 437 -5.29 7.10 30.67
C GLN A 437 -4.44 6.38 31.72
N LYS A 438 -4.05 7.08 32.77
CA LYS A 438 -3.14 6.53 33.77
C LYS A 438 -3.83 5.38 34.52
N PRO A 439 -3.07 4.30 34.75
CA PRO A 439 -3.57 3.15 35.52
C PRO A 439 -4.16 3.58 36.86
N GLY A 440 -5.20 2.91 37.31
CA GLY A 440 -5.71 3.13 38.66
C GLY A 440 -7.00 2.39 38.95
N LYS A 441 -7.52 2.58 40.17
CA LYS A 441 -8.85 2.08 40.52
C LYS A 441 -9.93 2.90 39.81
N VAL A 442 -10.98 2.23 39.35
CA VAL A 442 -12.13 2.88 38.73
C VAL A 442 -13.44 2.29 39.25
N SER A 443 -14.51 3.08 39.20
CA SER A 443 -15.83 2.60 39.59
C SER A 443 -16.57 1.97 38.40
N VAL A 444 -16.53 0.64 38.29
CA VAL A 444 -17.21 -0.04 37.19
C VAL A 444 -18.58 -0.57 37.61
N GLU A 445 -19.58 0.30 37.53
CA GLU A 445 -20.99 -0.06 37.74
C GLU A 445 -21.19 -1.07 38.87
N GLY A 446 -20.47 -0.88 39.97
CA GLY A 446 -20.56 -1.81 41.10
C GLY A 446 -19.26 -1.92 41.88
N LYS A 447 -18.38 -2.83 41.47
CA LYS A 447 -17.18 -3.14 42.24
C LYS A 447 -15.95 -2.37 41.77
N GLU A 448 -15.40 -1.56 42.68
CA GLU A 448 -14.19 -0.79 42.43
C GLU A 448 -13.06 -1.68 41.88
N VAL A 449 -12.51 -1.30 40.72
CA VAL A 449 -11.60 -2.18 39.98
C VAL A 449 -10.20 -1.56 39.80
N GLU A 450 -9.17 -2.36 40.06
CA GLU A 450 -7.79 -1.91 39.91
C GLU A 450 -7.32 -2.11 38.46
N VAL A 451 -7.26 -1.01 37.71
CA VAL A 451 -7.05 -1.12 36.26
C VAL A 451 -5.60 -1.35 35.84
N THR A 452 -5.36 -2.56 35.32
CA THR A 452 -4.02 -3.08 35.04
C THR A 452 -3.91 -3.37 33.54
N GLY A 453 -2.71 -3.68 33.07
CA GLY A 453 -2.52 -4.09 31.67
C GLY A 453 -1.43 -3.31 30.96
N SER A 454 -1.13 -3.69 29.72
CA SER A 454 0.01 -3.11 29.03
C SER A 454 -0.15 -1.58 28.89
N THR A 455 0.99 -0.87 28.86
CA THR A 455 0.99 0.60 28.78
C THR A 455 1.82 1.19 27.61
N VAL A 456 1.64 2.49 27.36
CA VAL A 456 2.37 3.22 26.32
C VAL A 456 2.65 4.65 26.74
N THR A 457 3.52 5.32 25.99
CA THR A 457 3.75 6.74 26.21
C THR A 457 2.71 7.51 25.43
N SER A 458 2.07 8.46 26.09
CA SER A 458 1.10 9.31 25.41
C SER A 458 1.57 10.76 25.48
N TYR A 459 1.56 11.44 24.35
CA TYR A 459 2.07 12.81 24.27
C TYR A 459 0.94 13.83 24.43
N TRP A 460 1.12 14.73 25.40
CA TRP A 460 0.13 15.75 25.70
C TRP A 460 0.71 17.16 25.48
N ALA A 461 -0.16 18.14 25.28
CA ALA A 461 0.27 19.52 25.10
C ALA A 461 -0.17 20.44 26.25
N ASN A 462 -0.53 19.87 27.40
CA ASN A 462 -0.92 20.69 28.55
C ASN A 462 0.26 20.79 29.51
N LYS A 463 -0.03 21.04 30.79
CA LYS A 463 1.02 21.03 31.79
C LYS A 463 1.14 19.68 32.51
N SER A 464 0.02 19.00 32.75
CA SER A 464 0.03 17.83 33.63
C SER A 464 -0.15 16.47 32.93
N GLY A 465 -0.30 16.48 31.61
CA GLY A 465 -0.45 15.23 30.86
C GLY A 465 -1.80 14.55 31.05
N ALA A 466 -1.79 13.23 30.93
CA ALA A 466 -3.04 12.44 30.93
C ALA A 466 -3.61 12.30 32.34
N PRO A 467 -4.93 12.47 32.46
CA PRO A 467 -5.60 12.24 33.75
C PRO A 467 -5.57 10.75 34.12
N ALA A 468 -5.82 10.45 35.38
CA ALA A 468 -6.00 9.06 35.83
C ALA A 468 -7.24 8.51 35.14
N THR A 469 -7.29 7.18 34.97
CA THR A 469 -8.41 6.57 34.26
C THR A 469 -9.74 6.87 34.96
N SER A 470 -10.74 7.26 34.17
CA SER A 470 -12.10 7.41 34.67
C SER A 470 -13.01 6.42 33.93
N TYR A 471 -14.21 6.20 34.44
CA TYR A 471 -15.11 5.25 33.79
C TYR A 471 -15.33 5.60 32.30
N ARG A 472 -15.76 6.84 32.05
CA ARG A 472 -15.90 7.33 30.69
C ARG A 472 -14.54 7.82 30.20
N PHE A 473 -13.68 6.88 29.84
CA PHE A 473 -12.30 7.20 29.52
C PHE A 473 -12.12 7.75 28.10
N ALA A 474 -13.02 7.41 27.18
CA ALA A 474 -12.81 7.72 25.75
C ALA A 474 -13.49 9.03 25.35
N ILE A 475 -13.07 9.63 24.23
CA ILE A 475 -13.88 10.69 23.63
C ILE A 475 -15.17 10.14 23.00
N GLY A 476 -16.31 10.54 23.54
CA GLY A 476 -17.60 10.05 23.04
C GLY A 476 -17.97 8.66 23.56
N GLY A 477 -19.12 8.16 23.11
CA GLY A 477 -19.59 6.82 23.47
C GLY A 477 -20.83 6.86 24.34
N SER A 478 -21.81 6.00 24.04
CA SER A 478 -22.99 5.86 24.89
C SER A 478 -22.71 4.96 26.08
N ASP A 479 -23.60 5.02 27.05
CA ASP A 479 -23.61 4.10 28.18
C ASP A 479 -23.51 2.65 27.69
N ALA A 480 -24.36 2.28 26.74
CA ALA A 480 -24.28 0.94 26.13
C ALA A 480 -22.87 0.65 25.66
N ASP A 481 -22.32 1.51 24.80
CA ASP A 481 -20.94 1.37 24.35
C ASP A 481 -19.98 1.16 25.51
N TYR A 482 -20.11 1.95 26.57
CA TYR A 482 -19.10 1.97 27.63
C TYR A 482 -19.14 0.70 28.48
N GLN A 483 -20.32 0.12 28.64
CA GLN A 483 -20.42 -1.18 29.30
C GLN A 483 -19.76 -2.25 28.44
N ASN A 484 -20.09 -2.26 27.16
CA ASN A 484 -19.46 -3.19 26.24
C ASN A 484 -17.93 -3.11 26.27
N ALA A 485 -17.39 -1.90 26.24
CA ALA A 485 -15.94 -1.73 26.22
C ALA A 485 -15.35 -2.25 27.54
N TRP A 486 -15.96 -1.85 28.65
CA TRP A 486 -15.48 -2.25 29.95
C TRP A 486 -15.67 -3.74 30.19
N SER A 487 -16.49 -4.35 29.35
CA SER A 487 -16.61 -5.80 29.32
C SER A 487 -15.26 -6.42 28.98
N SER A 488 -14.70 -5.99 27.86
CA SER A 488 -13.39 -6.47 27.40
C SER A 488 -12.27 -6.07 28.35
N ILE A 489 -12.12 -4.77 28.61
CA ILE A 489 -11.08 -4.29 29.49
C ILE A 489 -11.09 -5.07 30.80
N VAL A 490 -12.29 -5.26 31.36
CA VAL A 490 -12.45 -6.12 32.53
C VAL A 490 -12.26 -7.60 32.18
N GLY A 491 -12.26 -7.93 30.90
CA GLY A 491 -11.76 -9.23 30.42
C GLY A 491 -10.37 -9.61 30.94
N SER A 492 -9.56 -8.59 31.25
CA SER A 492 -8.27 -8.80 31.93
C SER A 492 -7.94 -7.63 32.86
N GLU B 7 30.76 -25.04 -26.50
CA GLU B 7 30.43 -23.81 -25.72
C GLU B 7 28.99 -23.76 -25.19
N ILE B 8 28.76 -22.84 -24.28
CA ILE B 8 27.43 -22.65 -23.72
C ILE B 8 26.78 -21.41 -24.33
N THR B 9 25.53 -21.56 -24.78
CA THR B 9 24.86 -20.49 -25.51
C THR B 9 23.54 -20.09 -24.84
N TYR B 10 23.12 -18.84 -25.10
CA TYR B 10 21.73 -18.44 -24.89
C TYR B 10 20.81 -19.21 -25.84
N SER B 11 19.50 -18.98 -25.69
CA SER B 11 18.50 -19.65 -26.53
C SER B 11 18.56 -19.24 -28.01
N ASP B 12 19.24 -18.14 -28.32
CA ASP B 12 19.32 -17.63 -29.69
C ASP B 12 20.67 -17.91 -30.36
N GLY B 13 21.45 -18.83 -29.78
CA GLY B 13 22.73 -19.25 -30.37
C GLY B 13 23.91 -18.46 -29.84
N THR B 14 23.65 -17.20 -29.46
CA THR B 14 24.68 -16.34 -28.86
C THR B 14 25.42 -17.07 -27.75
N VAL B 15 26.74 -17.11 -27.87
CA VAL B 15 27.56 -17.85 -26.92
C VAL B 15 27.69 -17.06 -25.62
N ILE B 16 27.42 -17.73 -24.50
CA ILE B 16 27.66 -17.18 -23.17
C ILE B 16 29.14 -17.33 -22.79
N ALA B 17 29.70 -18.51 -23.03
CA ALA B 17 31.12 -18.75 -22.74
C ALA B 17 31.64 -20.03 -23.41
N SER B 18 32.97 -20.16 -23.49
CA SER B 18 33.59 -21.47 -23.74
C SER B 18 33.97 -22.18 -22.44
N ILE B 19 34.66 -23.30 -22.55
CA ILE B 19 35.07 -24.08 -21.36
C ILE B 19 36.38 -24.82 -21.61
N ASP B 40 28.53 -14.86 -14.07
CA ASP B 40 29.23 -15.92 -13.36
C ASP B 40 28.27 -16.98 -12.85
N TYR B 41 27.29 -16.55 -12.05
CA TYR B 41 26.21 -17.45 -11.65
C TYR B 41 25.76 -18.27 -12.87
N LEU B 42 25.51 -17.55 -13.97
CA LEU B 42 24.98 -18.16 -15.18
C LEU B 42 25.93 -19.27 -15.67
N TYR B 43 27.20 -18.90 -15.84
CA TYR B 43 28.20 -19.86 -16.24
C TYR B 43 28.16 -21.11 -15.35
N PHE B 44 28.29 -20.91 -14.05
CA PHE B 44 28.49 -22.05 -13.15
C PHE B 44 27.22 -22.86 -13.01
N THR B 45 26.08 -22.19 -13.14
CA THR B 45 24.80 -22.89 -13.05
C THR B 45 24.56 -23.73 -14.27
N THR B 46 24.69 -23.12 -15.45
CA THR B 46 24.44 -23.85 -16.70
C THR B 46 25.50 -24.96 -16.87
N LEU B 47 26.74 -24.66 -16.51
CA LEU B 47 27.79 -25.67 -16.47
C LEU B 47 27.44 -26.87 -15.58
N ALA B 48 26.93 -26.60 -14.38
CA ALA B 48 26.56 -27.67 -13.45
C ALA B 48 25.41 -28.54 -13.94
N GLU B 49 24.38 -27.92 -14.52
CA GLU B 49 23.26 -28.70 -15.05
C GLU B 49 23.72 -29.62 -16.20
N ALA B 50 24.50 -29.04 -17.12
CA ALA B 50 25.04 -29.78 -18.25
C ALA B 50 25.87 -30.98 -17.82
N GLN B 51 26.74 -30.78 -16.83
CA GLN B 51 27.53 -31.87 -16.27
C GLN B 51 26.69 -33.02 -15.72
N GLU B 52 25.57 -32.70 -15.07
CA GLU B 52 24.61 -33.73 -14.63
C GLU B 52 24.04 -34.51 -15.82
N ARG B 53 23.75 -33.81 -16.90
CA ARG B 53 23.17 -34.47 -18.06
C ARG B 53 24.24 -35.33 -18.72
N MET B 54 25.47 -34.84 -18.72
CA MET B 54 26.57 -35.55 -19.35
C MET B 54 26.91 -36.80 -18.53
N TYR B 55 26.73 -36.70 -17.21
CA TYR B 55 26.90 -37.83 -16.31
C TYR B 55 25.97 -38.97 -16.71
N ASP B 56 24.69 -38.64 -16.90
CA ASP B 56 23.71 -39.68 -17.21
C ASP B 56 24.03 -40.31 -18.56
N TYR B 57 24.29 -39.45 -19.55
CA TYR B 57 24.68 -39.91 -20.87
C TYR B 57 25.90 -40.84 -20.83
N LEU B 58 26.94 -40.44 -20.08
CA LEU B 58 28.24 -41.13 -20.06
C LEU B 58 28.15 -42.50 -19.41
N ALA B 59 27.35 -42.58 -18.34
CA ALA B 59 27.15 -43.81 -17.59
C ALA B 59 26.39 -44.82 -18.47
N GLN B 60 25.36 -44.31 -19.14
CA GLN B 60 24.61 -45.11 -20.11
C GLN B 60 25.52 -45.53 -21.28
N ARG B 61 26.26 -44.59 -21.85
CA ARG B 61 27.16 -44.90 -22.95
C ARG B 61 28.11 -46.05 -22.58
N ASP B 62 28.72 -45.95 -21.40
CA ASP B 62 29.71 -46.93 -20.98
C ASP B 62 29.08 -48.22 -20.45
N ASN B 63 27.75 -48.25 -20.38
CA ASN B 63 27.05 -49.48 -20.03
C ASN B 63 27.17 -49.74 -18.53
N VAL B 64 27.21 -48.65 -17.77
CA VAL B 64 27.19 -48.70 -16.32
C VAL B 64 25.75 -48.92 -15.85
N SER B 65 25.49 -50.08 -15.25
CA SER B 65 24.21 -50.36 -14.61
C SER B 65 23.96 -49.42 -13.43
N ALA B 66 22.72 -49.33 -12.99
CA ALA B 66 22.39 -48.60 -11.77
C ALA B 66 23.07 -49.22 -10.54
N LYS B 67 23.27 -50.53 -10.56
CA LYS B 67 23.90 -51.24 -9.44
C LYS B 67 25.34 -50.77 -9.21
N GLU B 68 26.10 -50.67 -10.30
CA GLU B 68 27.46 -50.17 -10.23
C GLU B 68 27.51 -48.66 -10.03
N LEU B 69 26.44 -47.98 -10.43
CA LEU B 69 26.34 -46.53 -10.33
C LEU B 69 26.08 -46.11 -8.89
N LYS B 70 25.91 -47.11 -8.02
CA LYS B 70 25.64 -46.81 -6.61
C LYS B 70 26.95 -46.68 -5.84
N ASN B 71 27.95 -47.42 -6.32
CA ASN B 71 29.31 -47.29 -5.80
C ASN B 71 29.85 -45.85 -5.86
N GLU B 72 30.35 -45.36 -4.73
CA GLU B 72 30.68 -43.94 -4.62
C GLU B 72 31.95 -43.55 -5.39
N ALA B 73 32.92 -44.45 -5.43
CA ALA B 73 34.11 -44.23 -6.25
C ALA B 73 33.78 -44.14 -7.76
N THR B 74 32.96 -45.06 -8.25
CA THR B 74 32.42 -44.93 -9.59
C THR B 74 31.72 -43.59 -9.87
N GLN B 75 30.97 -43.07 -8.90
CA GLN B 75 30.26 -41.80 -9.12
C GLN B 75 31.22 -40.63 -9.25
N LYS B 76 32.23 -40.60 -8.39
CA LYS B 76 33.24 -39.54 -8.46
C LYS B 76 33.96 -39.54 -9.83
N PHE B 77 34.30 -40.73 -10.31
CA PHE B 77 34.89 -40.89 -11.64
C PHE B 77 34.01 -40.32 -12.76
N TYR B 78 32.73 -40.69 -12.76
CA TYR B 78 31.86 -40.26 -13.82
C TYR B 78 31.46 -38.79 -13.69
N ARG B 79 31.48 -38.26 -12.47
CA ARG B 79 31.28 -36.83 -12.28
C ARG B 79 32.50 -36.05 -12.78
N ASP B 80 33.70 -36.55 -12.46
CA ASP B 80 34.91 -35.91 -12.96
C ASP B 80 34.96 -36.05 -14.50
N LEU B 81 34.57 -37.21 -15.00
CA LEU B 81 34.56 -37.43 -16.44
C LEU B 81 33.63 -36.44 -17.12
N ALA B 82 32.44 -36.27 -16.56
CA ALA B 82 31.43 -35.41 -17.17
C ALA B 82 31.99 -34.00 -17.30
N ALA B 83 32.71 -33.57 -16.27
CA ALA B 83 33.31 -32.23 -16.25
C ALA B 83 34.39 -32.03 -17.31
N LYS B 84 35.27 -33.02 -17.50
CA LYS B 84 36.32 -32.92 -18.51
C LYS B 84 35.79 -33.03 -19.94
N GLU B 85 34.70 -33.76 -20.13
CA GLU B 85 34.10 -33.90 -21.46
C GLU B 85 33.60 -32.55 -21.96
N ILE B 86 32.91 -31.83 -21.09
CA ILE B 86 32.59 -30.44 -21.34
C ILE B 86 33.83 -29.56 -21.58
N GLU B 87 34.87 -29.75 -20.77
CA GLU B 87 36.07 -28.91 -20.85
C GLU B 87 36.83 -29.08 -22.17
N ASN B 88 37.48 -30.24 -22.33
CA ASN B 88 38.26 -30.51 -23.54
C ASN B 88 37.47 -31.22 -24.64
N GLY B 89 36.17 -30.93 -24.72
CA GLY B 89 35.33 -31.45 -25.81
C GLY B 89 34.63 -30.33 -26.55
N GLY B 90 34.04 -30.64 -27.70
CA GLY B 90 33.36 -29.61 -28.46
C GLY B 90 31.85 -29.74 -28.46
N TYR B 91 31.22 -29.66 -27.28
CA TYR B 91 29.76 -29.74 -27.20
C TYR B 91 29.08 -28.39 -27.36
N LYS B 92 27.91 -28.38 -28.03
CA LYS B 92 27.03 -27.23 -27.97
C LYS B 92 25.99 -27.48 -26.89
N ILE B 93 26.03 -26.65 -25.85
CA ILE B 93 24.98 -26.65 -24.84
C ILE B 93 23.97 -25.52 -25.11
N THR B 94 22.76 -25.89 -25.46
CA THR B 94 21.67 -24.93 -25.68
C THR B 94 20.88 -24.71 -24.40
N THR B 95 20.93 -23.49 -23.85
CA THR B 95 20.15 -23.18 -22.66
C THR B 95 18.84 -22.46 -22.99
N THR B 96 17.98 -22.32 -21.98
CA THR B 96 16.68 -21.68 -22.16
C THR B 96 16.80 -20.18 -21.90
N ILE B 97 17.99 -19.77 -21.51
CA ILE B 97 18.22 -18.41 -21.06
C ILE B 97 18.00 -17.43 -22.17
N ASP B 98 17.20 -16.40 -21.88
CA ASP B 98 17.06 -15.26 -22.76
C ASP B 98 18.12 -14.22 -22.41
N GLN B 99 19.05 -14.00 -23.31
CA GLN B 99 20.26 -13.25 -23.00
C GLN B 99 19.93 -11.84 -22.55
N LYS B 100 19.09 -11.15 -23.33
CA LYS B 100 18.72 -9.78 -23.01
C LYS B 100 18.01 -9.71 -21.66
N ILE B 101 17.16 -10.69 -21.39
CA ILE B 101 16.36 -10.66 -20.15
C ILE B 101 17.22 -10.96 -18.92
N HIS B 102 18.11 -11.94 -19.06
CA HIS B 102 19.05 -12.27 -17.99
C HIS B 102 20.04 -11.15 -17.70
N SER B 103 20.67 -10.57 -18.73
CA SER B 103 21.49 -9.36 -18.54
C SER B 103 20.74 -8.28 -17.76
N ALA B 104 19.51 -8.00 -18.18
CA ALA B 104 18.72 -6.96 -17.53
C ALA B 104 18.43 -7.30 -16.07
N MET B 105 18.29 -8.60 -15.76
CA MET B 105 18.07 -9.00 -14.35
C MET B 105 19.33 -8.82 -13.50
N GLN B 106 20.50 -8.99 -14.13
CA GLN B 106 21.75 -8.79 -13.43
C GLN B 106 21.93 -7.31 -13.15
N SER B 107 21.63 -6.49 -14.14
CA SER B 107 21.75 -5.04 -13.96
C SER B 107 20.78 -4.54 -12.92
N ALA B 108 19.59 -5.15 -12.84
CA ALA B 108 18.60 -4.73 -11.84
C ALA B 108 19.09 -5.00 -10.41
N VAL B 109 19.61 -6.21 -10.18
CA VAL B 109 20.07 -6.53 -8.85
C VAL B 109 21.35 -5.78 -8.50
N ALA B 110 22.20 -5.48 -9.49
CA ALA B 110 23.33 -4.58 -9.27
C ALA B 110 22.84 -3.19 -8.87
N ASP B 111 21.91 -2.64 -9.63
CA ASP B 111 21.47 -1.27 -9.38
C ASP B 111 20.54 -1.14 -8.19
N TYR B 112 19.71 -2.15 -7.95
CA TYR B 112 18.58 -2.01 -7.03
C TYR B 112 18.64 -2.99 -5.87
N GLY B 113 19.63 -3.87 -5.88
CA GLY B 113 19.81 -4.81 -4.78
C GLY B 113 19.78 -4.13 -3.41
N TYR B 114 20.40 -2.96 -3.33
CA TYR B 114 20.61 -2.29 -2.04
C TYR B 114 19.30 -1.89 -1.39
N LEU B 115 18.24 -1.81 -2.19
CA LEU B 115 16.90 -1.52 -1.67
C LEU B 115 16.40 -2.62 -0.74
N LEU B 116 17.07 -3.77 -0.78
CA LEU B 116 16.70 -4.90 0.06
C LEU B 116 17.25 -4.71 1.47
N ASP B 117 18.33 -3.94 1.59
CA ASP B 117 18.99 -3.83 2.88
C ASP B 117 18.16 -3.06 3.90
N ASP B 118 17.71 -3.75 4.95
CA ASP B 118 16.62 -3.23 5.80
C ASP B 118 17.12 -2.96 7.23
N GLY B 119 18.43 -2.96 7.41
CA GLY B 119 19.01 -2.68 8.72
C GLY B 119 19.23 -3.93 9.56
N THR B 120 19.13 -5.11 8.94
CA THR B 120 19.52 -6.36 9.63
C THR B 120 20.72 -7.02 9.01
N GLY B 121 21.60 -6.22 8.42
CA GLY B 121 22.78 -6.77 7.73
C GLY B 121 22.48 -6.84 6.24
N ARG B 122 23.48 -7.21 5.44
CA ARG B 122 23.29 -7.45 4.01
C ARG B 122 22.26 -8.55 3.74
N VAL B 123 21.30 -8.23 2.88
CA VAL B 123 20.22 -9.14 2.57
C VAL B 123 20.49 -9.88 1.25
N GLU B 124 20.50 -11.21 1.31
CA GLU B 124 20.64 -12.00 0.10
C GLU B 124 19.30 -12.21 -0.62
N VAL B 125 19.38 -12.63 -1.88
CA VAL B 125 18.21 -12.63 -2.75
C VAL B 125 18.33 -13.73 -3.80
N GLY B 126 17.22 -14.36 -4.17
CA GLY B 126 17.20 -15.27 -5.33
C GLY B 126 15.89 -15.12 -6.10
N ASN B 127 15.98 -15.15 -7.43
CA ASN B 127 14.83 -14.97 -8.31
C ASN B 127 14.96 -15.89 -9.48
N VAL B 128 13.83 -16.41 -9.93
CA VAL B 128 13.78 -17.22 -11.14
C VAL B 128 12.59 -16.77 -11.98
N LEU B 129 12.84 -16.55 -13.26
CA LEU B 129 11.80 -16.20 -14.21
C LEU B 129 11.53 -17.38 -15.12
N MET B 130 10.28 -17.78 -15.20
CA MET B 130 9.93 -19.05 -15.83
C MET B 130 8.77 -18.85 -16.79
N ASP B 131 8.89 -19.45 -17.99
CA ASP B 131 7.79 -19.46 -18.96
C ASP B 131 6.73 -20.44 -18.52
N ASN B 132 5.49 -19.96 -18.41
CA ASN B 132 4.41 -20.75 -17.83
C ASN B 132 3.98 -21.90 -18.73
N GLN B 133 4.22 -21.75 -20.03
CA GLN B 133 3.76 -22.77 -20.96
C GLN B 133 4.78 -23.88 -21.23
N THR B 134 6.04 -23.67 -20.84
CA THR B 134 7.07 -24.68 -21.07
C THR B 134 7.87 -25.10 -19.84
N GLY B 135 7.84 -24.28 -18.79
CA GLY B 135 8.75 -24.50 -17.65
C GLY B 135 10.17 -24.01 -17.91
N ALA B 136 10.41 -23.40 -19.07
CA ALA B 136 11.76 -22.96 -19.44
C ALA B 136 12.17 -21.77 -18.57
N ILE B 137 13.39 -21.79 -18.04
CA ILE B 137 13.87 -20.67 -17.23
C ILE B 137 14.57 -19.62 -18.10
N LEU B 138 14.03 -18.40 -18.11
CA LEU B 138 14.45 -17.41 -19.07
C LEU B 138 15.57 -16.57 -18.48
N GLY B 139 15.62 -16.53 -17.15
CA GLY B 139 16.57 -15.66 -16.47
C GLY B 139 16.48 -15.88 -14.98
N PHE B 140 17.49 -15.47 -14.23
CA PHE B 140 17.44 -15.66 -12.78
C PHE B 140 18.41 -14.75 -12.09
N VAL B 141 18.24 -14.62 -10.78
CA VAL B 141 19.19 -13.88 -9.96
C VAL B 141 19.78 -14.76 -8.87
N GLY B 142 21.09 -14.94 -8.90
CA GLY B 142 21.74 -15.90 -8.03
C GLY B 142 22.09 -15.31 -6.68
N GLY B 143 22.23 -13.98 -6.64
CA GLY B 143 22.53 -13.33 -5.38
C GLY B 143 22.92 -11.89 -5.63
N ARG B 144 23.31 -11.19 -4.57
CA ARG B 144 23.53 -9.76 -4.63
C ARG B 144 24.74 -9.51 -5.52
N ASN B 145 25.70 -10.43 -5.48
CA ASN B 145 27.00 -10.15 -6.08
C ASN B 145 27.97 -11.34 -6.03
N TYR B 146 28.11 -12.06 -7.14
CA TYR B 146 28.79 -13.35 -7.13
C TYR B 146 30.20 -13.23 -6.53
N GLN B 147 30.85 -12.11 -6.80
CA GLN B 147 32.23 -11.85 -6.35
C GLN B 147 32.34 -11.86 -4.83
N GLU B 148 31.33 -11.33 -4.15
CA GLU B 148 31.35 -11.24 -2.69
C GLU B 148 30.82 -12.51 -2.01
N ASN B 149 29.90 -13.20 -2.69
CA ASN B 149 29.25 -14.40 -2.13
C ASN B 149 28.72 -15.27 -3.26
N GLN B 150 29.20 -16.50 -3.32
CA GLN B 150 28.95 -17.35 -4.47
C GLN B 150 27.73 -18.26 -4.31
N ASN B 151 27.18 -18.34 -3.10
CA ASN B 151 25.99 -19.18 -2.90
C ASN B 151 24.93 -18.88 -3.95
N ASN B 152 24.43 -19.91 -4.60
CA ASN B 152 23.40 -19.73 -5.59
C ASN B 152 21.99 -19.76 -4.99
N HIS B 153 21.41 -18.58 -4.78
CA HIS B 153 20.13 -18.46 -4.08
C HIS B 153 18.93 -18.73 -4.99
N ALA B 154 19.19 -18.95 -6.28
CA ALA B 154 18.09 -19.35 -7.17
C ALA B 154 17.94 -20.86 -7.30
N PHE B 155 19.05 -21.60 -7.19
CA PHE B 155 19.06 -23.04 -7.54
C PHE B 155 19.52 -23.97 -6.41
N ASP B 156 20.28 -23.43 -5.46
CA ASP B 156 20.90 -24.27 -4.41
C ASP B 156 20.33 -24.07 -3.02
N THR B 157 20.12 -22.82 -2.62
CA THR B 157 19.61 -22.53 -1.28
C THR B 157 18.20 -23.12 -1.14
N LYS B 158 17.92 -23.73 0.01
CA LYS B 158 16.59 -24.26 0.29
C LYS B 158 16.03 -23.66 1.56
N ARG B 159 14.83 -23.13 1.49
CA ARG B 159 14.26 -22.42 2.64
C ARG B 159 12.78 -22.73 2.66
N SER B 160 12.18 -22.64 3.84
CA SER B 160 10.73 -22.76 3.95
C SER B 160 10.03 -21.71 3.08
N PRO B 161 9.03 -22.16 2.30
CA PRO B 161 8.25 -21.24 1.48
C PRO B 161 7.16 -20.49 2.26
N ALA B 162 7.02 -20.85 3.54
CA ALA B 162 6.15 -20.14 4.47
C ALA B 162 4.72 -20.13 3.94
N SER B 163 4.06 -18.97 3.98
CA SER B 163 2.65 -18.90 3.60
C SER B 163 2.36 -19.11 2.11
N THR B 164 3.38 -19.03 1.26
CA THR B 164 3.11 -19.26 -0.18
C THR B 164 2.87 -20.76 -0.38
N THR B 165 2.96 -21.53 0.69
CA THR B 165 2.63 -22.96 0.65
C THR B 165 1.13 -23.07 0.52
N LYS B 166 0.40 -22.05 0.99
CA LYS B 166 -1.02 -22.19 1.27
C LYS B 166 -1.89 -22.47 0.05
N PRO B 167 -1.73 -21.68 -1.01
CA PRO B 167 -2.56 -21.87 -2.19
C PRO B 167 -2.34 -23.25 -2.81
N LEU B 168 -1.15 -23.81 -2.66
CA LEU B 168 -0.79 -25.06 -3.36
C LEU B 168 -1.20 -26.30 -2.59
N LEU B 169 -0.85 -26.32 -1.31
CA LEU B 169 -0.97 -27.51 -0.53
C LEU B 169 -2.29 -27.59 0.22
N ALA B 170 -2.88 -26.42 0.51
CA ALA B 170 -4.10 -26.35 1.31
C ALA B 170 -5.31 -25.96 0.46
N TYR B 171 -5.45 -24.66 0.19
CA TYR B 171 -6.64 -24.16 -0.45
C TYR B 171 -6.81 -24.75 -1.85
N GLY B 172 -5.71 -24.89 -2.58
CA GLY B 172 -5.79 -25.37 -3.94
C GLY B 172 -6.30 -26.80 -4.00
N ILE B 173 -5.80 -27.62 -3.10
CA ILE B 173 -6.22 -29.00 -3.07
C ILE B 173 -7.66 -29.15 -2.56
N ALA B 174 -8.06 -28.30 -1.61
CA ALA B 174 -9.40 -28.43 -1.03
C ALA B 174 -10.44 -28.03 -2.09
N ILE B 175 -10.14 -26.98 -2.85
CA ILE B 175 -11.01 -26.59 -3.95
C ILE B 175 -11.09 -27.72 -4.97
N ASP B 176 -9.95 -28.28 -5.31
CA ASP B 176 -9.87 -29.33 -6.35
C ASP B 176 -10.65 -30.56 -5.95
N GLN B 177 -10.71 -30.83 -4.65
CA GLN B 177 -11.45 -31.98 -4.13
C GLN B 177 -12.91 -31.65 -3.93
N GLY B 178 -13.30 -30.42 -4.26
CA GLY B 178 -14.67 -29.99 -4.08
C GLY B 178 -15.07 -29.96 -2.62
N LEU B 179 -14.13 -29.55 -1.77
CA LEU B 179 -14.36 -29.44 -0.33
C LEU B 179 -14.45 -27.99 0.06
N MET B 180 -14.31 -27.10 -0.92
CA MET B 180 -14.33 -25.68 -0.63
C MET B 180 -14.50 -24.92 -1.94
N GLY B 181 -15.14 -23.78 -1.86
CA GLY B 181 -15.25 -22.89 -3.02
C GLY B 181 -14.76 -21.52 -2.64
N SER B 182 -14.87 -20.58 -3.56
CA SER B 182 -14.11 -19.34 -3.49
C SER B 182 -14.62 -18.43 -2.38
N GLU B 183 -15.89 -18.56 -2.02
CA GLU B 183 -16.45 -17.73 -0.94
C GLU B 183 -16.76 -18.55 0.31
N THR B 184 -16.23 -19.77 0.37
CA THR B 184 -16.37 -20.59 1.58
C THR B 184 -15.77 -19.89 2.81
N ILE B 185 -16.35 -20.14 3.98
CA ILE B 185 -15.94 -19.49 5.21
C ILE B 185 -15.01 -20.41 6.03
N LEU B 186 -13.97 -19.84 6.62
CA LEU B 186 -13.04 -20.63 7.44
C LEU B 186 -12.93 -20.01 8.84
N SER B 187 -12.59 -20.83 9.84
CA SER B 187 -12.36 -20.31 11.19
C SER B 187 -10.97 -19.72 11.30
N ASN B 188 -10.90 -18.45 11.74
CA ASN B 188 -9.65 -17.89 12.24
C ASN B 188 -9.79 -17.60 13.76
N TYR B 189 -10.72 -18.27 14.41
CA TYR B 189 -10.78 -18.24 15.89
C TYR B 189 -9.51 -18.81 16.51
N PRO B 190 -9.03 -18.19 17.59
CA PRO B 190 -7.84 -18.70 18.29
C PRO B 190 -7.94 -20.21 18.47
N THR B 191 -6.85 -20.93 18.17
CA THR B 191 -6.79 -22.37 18.45
C THR B 191 -5.32 -22.76 18.69
N ASN B 192 -5.10 -23.91 19.32
CA ASN B 192 -3.75 -24.33 19.70
C ASN B 192 -3.28 -25.50 18.87
N PHE B 193 -1.98 -25.55 18.59
CA PHE B 193 -1.33 -26.80 18.20
C PHE B 193 -1.56 -27.88 19.23
N ALA B 194 -1.20 -29.11 18.88
CA ALA B 194 -1.44 -30.25 19.77
C ALA B 194 -0.71 -30.11 21.09
N ASN B 195 0.39 -29.36 21.07
CA ASN B 195 1.21 -29.20 22.26
C ASN B 195 0.78 -28.03 23.14
N GLY B 196 -0.40 -27.47 22.86
CA GLY B 196 -0.95 -26.43 23.72
C GLY B 196 -0.54 -25.03 23.32
N ASN B 197 0.42 -24.90 22.41
CA ASN B 197 0.81 -23.58 21.91
C ASN B 197 -0.21 -22.98 20.96
N PRO B 198 -0.54 -21.71 21.19
CA PRO B 198 -1.35 -20.94 20.26
C PRO B 198 -0.75 -20.84 18.84
N ILE B 199 -1.53 -21.21 17.84
CA ILE B 199 -1.21 -20.89 16.46
C ILE B 199 -1.27 -19.38 16.29
N MET B 200 -0.14 -18.78 15.90
CA MET B 200 0.02 -17.32 15.93
C MET B 200 0.05 -16.77 14.53
N TYR B 201 -0.27 -15.49 14.39
CA TYR B 201 -0.06 -14.76 13.15
C TYR B 201 0.52 -13.42 13.55
N ALA B 202 1.80 -13.21 13.27
CA ALA B 202 2.62 -12.28 14.06
C ALA B 202 2.22 -12.34 15.55
N ASN B 203 1.71 -11.23 16.06
CA ASN B 203 1.35 -11.17 17.47
C ASN B 203 -0.13 -11.39 17.73
N SER B 204 -0.87 -11.86 16.73
CA SER B 204 -2.30 -12.10 16.93
C SER B 204 -2.63 -13.59 17.11
N LYS B 205 -3.48 -13.88 18.10
CA LYS B 205 -3.92 -15.27 18.33
C LYS B 205 -5.12 -15.67 17.47
N GLY B 206 -5.55 -14.78 16.58
CA GLY B 206 -6.72 -15.06 15.72
C GLY B 206 -7.88 -14.11 15.91
N THR B 207 -8.92 -14.22 15.08
CA THR B 207 -10.07 -13.33 15.18
C THR B 207 -11.36 -14.14 15.20
N GLY B 208 -12.07 -14.19 14.08
CA GLY B 208 -13.28 -15.00 13.96
C GLY B 208 -13.41 -15.67 12.60
N MET B 209 -14.65 -15.93 12.17
CA MET B 209 -14.90 -16.51 10.86
C MET B 209 -14.48 -15.54 9.75
N MET B 210 -14.13 -16.07 8.58
CA MET B 210 -13.74 -15.18 7.47
C MET B 210 -13.75 -15.95 6.18
N THR B 211 -13.84 -15.23 5.06
CA THR B 211 -13.85 -15.88 3.75
C THR B 211 -12.45 -16.34 3.39
N LEU B 212 -12.37 -17.29 2.47
CA LEU B 212 -11.11 -17.63 1.83
C LEU B 212 -10.37 -16.40 1.32
N GLY B 213 -11.11 -15.46 0.74
CA GLY B 213 -10.50 -14.26 0.20
C GLY B 213 -9.76 -13.48 1.26
N GLU B 214 -10.42 -13.24 2.38
CA GLU B 214 -9.75 -12.54 3.47
C GLU B 214 -8.59 -13.36 4.04
N ALA B 215 -8.78 -14.68 4.16
CA ALA B 215 -7.72 -15.54 4.64
C ALA B 215 -6.47 -15.40 3.77
N LEU B 216 -6.64 -15.49 2.45
CA LEU B 216 -5.51 -15.36 1.52
C LEU B 216 -4.91 -13.96 1.51
N ASN B 217 -5.76 -12.93 1.53
CA ASN B 217 -5.29 -11.55 1.38
C ASN B 217 -4.45 -11.14 2.57
N TYR B 218 -4.90 -11.56 3.76
CA TYR B 218 -4.13 -11.31 4.98
C TYR B 218 -3.12 -12.40 5.23
N SER B 219 -3.37 -13.61 4.72
CA SER B 219 -2.47 -14.74 4.94
C SER B 219 -2.54 -15.25 6.37
N TRP B 220 -3.74 -15.33 6.94
CA TRP B 220 -3.91 -15.82 8.29
C TRP B 220 -3.50 -17.29 8.32
N ASN B 221 -3.08 -17.76 9.50
CA ASN B 221 -2.52 -19.09 9.62
C ASN B 221 -3.52 -20.15 10.04
N ILE B 222 -4.40 -19.79 10.97
CA ILE B 222 -5.39 -20.73 11.49
C ILE B 222 -6.30 -21.36 10.42
N PRO B 223 -6.81 -20.56 9.48
CA PRO B 223 -7.66 -21.13 8.40
C PRO B 223 -6.92 -22.19 7.59
N ALA B 224 -5.63 -22.00 7.36
CA ALA B 224 -4.84 -22.98 6.61
C ALA B 224 -4.60 -24.26 7.42
N TYR B 225 -4.39 -24.09 8.72
CA TYR B 225 -4.29 -25.24 9.63
C TYR B 225 -5.54 -26.10 9.53
N TRP B 226 -6.70 -25.46 9.58
CA TRP B 226 -7.96 -26.24 9.58
C TRP B 226 -8.17 -26.91 8.20
N THR B 227 -7.84 -26.17 7.15
CA THR B 227 -7.98 -26.66 5.80
C THR B 227 -7.17 -27.95 5.64
N TYR B 228 -5.92 -27.92 6.04
CA TYR B 228 -5.09 -29.12 5.96
C TYR B 228 -5.57 -30.27 6.85
N ARG B 229 -6.00 -29.94 8.07
N ARG B 229 -6.02 -29.94 8.06
CA ARG B 229 -6.61 -30.93 8.95
CA ARG B 229 -6.58 -30.97 8.93
C ARG B 229 -7.77 -31.63 8.25
C ARG B 229 -7.83 -31.61 8.32
N MET B 230 -8.61 -30.82 7.58
CA MET B 230 -9.77 -31.36 6.86
C MET B 230 -9.37 -32.29 5.73
N LEU B 231 -8.35 -31.89 4.98
CA LEU B 231 -7.81 -32.74 3.92
C LEU B 231 -7.35 -34.10 4.46
N ARG B 232 -6.65 -34.09 5.59
CA ARG B 232 -6.21 -35.33 6.24
C ARG B 232 -7.42 -36.17 6.64
N GLU B 233 -8.39 -35.52 7.27
CA GLU B 233 -9.60 -36.20 7.70
C GLU B 233 -10.33 -36.86 6.55
N ASN B 234 -10.32 -36.25 5.37
CA ASN B 234 -10.95 -36.83 4.19
C ASN B 234 -10.02 -37.78 3.43
N GLY B 235 -8.86 -38.07 4.02
CA GLY B 235 -7.89 -38.97 3.38
C GLY B 235 -7.36 -38.50 2.02
N VAL B 236 -7.32 -37.20 1.78
CA VAL B 236 -6.85 -36.73 0.49
C VAL B 236 -5.38 -37.11 0.26
N ASP B 237 -5.06 -37.51 -0.96
CA ASP B 237 -3.68 -37.83 -1.34
C ASP B 237 -2.86 -36.54 -1.61
N VAL B 238 -2.58 -35.77 -0.56
CA VAL B 238 -1.93 -34.46 -0.73
C VAL B 238 -0.55 -34.60 -1.35
N LYS B 239 0.18 -35.59 -0.88
CA LYS B 239 1.51 -35.91 -1.40
C LYS B 239 1.53 -36.17 -2.92
N GLY B 240 0.44 -36.75 -3.46
CA GLY B 240 0.32 -36.99 -4.90
C GLY B 240 0.32 -35.70 -5.69
N TYR B 241 -0.40 -34.70 -5.16
CA TYR B 241 -0.38 -33.39 -5.77
C TYR B 241 1.03 -32.82 -5.77
N MET B 242 1.68 -32.84 -4.61
CA MET B 242 2.94 -32.11 -4.47
C MET B 242 4.07 -32.74 -5.30
N GLU B 243 4.11 -34.08 -5.28
CA GLU B 243 5.14 -34.83 -6.01
C GLU B 243 4.99 -34.67 -7.52
N LYS B 244 3.75 -34.48 -7.97
CA LYS B 244 3.50 -34.19 -9.39
C LYS B 244 4.10 -32.86 -9.80
N MET B 245 4.28 -31.97 -8.84
CA MET B 245 5.00 -30.71 -9.09
C MET B 245 6.48 -30.73 -8.77
N GLY B 246 7.01 -31.90 -8.41
CA GLY B 246 8.44 -32.04 -8.12
C GLY B 246 8.89 -31.71 -6.70
N TYR B 247 7.94 -31.48 -5.78
CA TYR B 247 8.28 -31.16 -4.39
C TYR B 247 8.67 -32.44 -3.64
N GLU B 248 9.77 -32.38 -2.89
CA GLU B 248 10.14 -33.50 -2.03
C GLU B 248 9.97 -33.07 -0.61
N ILE B 249 8.89 -33.55 0.01
CA ILE B 249 8.60 -33.24 1.40
C ILE B 249 8.67 -34.55 2.16
N PRO B 250 9.52 -34.63 3.19
CA PRO B 250 9.83 -35.93 3.80
C PRO B 250 8.72 -36.42 4.71
N GLU B 251 7.96 -35.51 5.29
CA GLU B 251 6.96 -35.90 6.28
C GLU B 251 5.74 -35.01 6.15
N TYR B 252 4.61 -35.64 5.82
CA TYR B 252 3.36 -34.94 5.64
C TYR B 252 2.60 -34.83 6.96
N GLY B 253 3.03 -35.58 7.98
CA GLY B 253 2.36 -35.59 9.28
C GLY B 253 2.78 -34.46 10.21
N ILE B 254 2.45 -33.24 9.83
CA ILE B 254 2.94 -32.04 10.50
C ILE B 254 1.82 -30.99 10.48
N GLU B 255 1.52 -30.42 11.65
CA GLU B 255 0.38 -29.51 11.76
C GLU B 255 0.59 -28.24 11.00
N SER B 256 1.85 -27.80 10.94
CA SER B 256 2.15 -26.50 10.38
C SER B 256 2.59 -26.63 8.93
N LEU B 257 2.38 -27.80 8.34
CA LEU B 257 2.76 -28.02 6.94
C LEU B 257 2.24 -26.95 5.96
N PRO B 258 0.94 -26.63 6.02
CA PRO B 258 0.36 -25.65 5.09
C PRO B 258 0.91 -24.26 5.30
N MET B 259 1.58 -24.02 6.42
CA MET B 259 2.25 -22.73 6.65
C MET B 259 3.72 -22.78 6.30
N GLY B 260 4.17 -23.89 5.73
CA GLY B 260 5.54 -23.99 5.32
C GLY B 260 6.42 -24.77 6.26
N GLY B 261 5.88 -25.25 7.38
CA GLY B 261 6.67 -26.09 8.30
C GLY B 261 6.98 -27.46 7.72
N GLY B 262 8.24 -27.87 7.79
CA GLY B 262 8.66 -29.18 7.29
C GLY B 262 8.89 -29.21 5.79
N ILE B 263 8.85 -28.05 5.18
CA ILE B 263 9.14 -27.94 3.76
C ILE B 263 10.34 -27.04 3.57
N GLU B 264 11.26 -27.43 2.69
CA GLU B 264 12.32 -26.54 2.25
C GLU B 264 12.53 -26.63 0.74
N VAL B 265 12.54 -25.49 0.05
CA VAL B 265 12.55 -25.52 -1.39
C VAL B 265 13.53 -24.50 -1.99
N THR B 266 14.03 -24.78 -3.18
CA THR B 266 14.74 -23.75 -3.94
C THR B 266 13.73 -22.80 -4.57
N VAL B 267 14.19 -21.61 -4.94
CA VAL B 267 13.33 -20.67 -5.66
C VAL B 267 12.92 -21.27 -7.03
N ALA B 268 13.84 -21.97 -7.69
CA ALA B 268 13.51 -22.58 -8.99
C ALA B 268 12.39 -23.59 -8.84
N GLN B 269 12.44 -24.43 -7.81
CA GLN B 269 11.42 -25.47 -7.64
C GLN B 269 10.11 -24.82 -7.27
N HIS B 270 10.15 -23.85 -6.36
CA HIS B 270 8.91 -23.26 -5.88
C HIS B 270 8.21 -22.42 -6.95
N THR B 271 8.99 -21.72 -7.78
CA THR B 271 8.51 -21.09 -8.98
C THR B 271 7.72 -22.08 -9.87
N ASN B 272 8.18 -23.32 -9.93
CA ASN B 272 7.51 -24.33 -10.74
C ASN B 272 6.08 -24.59 -10.21
N GLY B 273 5.91 -24.61 -8.89
CA GLY B 273 4.56 -24.70 -8.31
C GLY B 273 3.64 -23.60 -8.78
N TYR B 274 4.12 -22.36 -8.76
CA TYR B 274 3.28 -21.26 -9.16
C TYR B 274 3.09 -21.23 -10.67
N GLN B 275 4.07 -21.77 -11.41
CA GLN B 275 3.90 -22.00 -12.85
C GLN B 275 2.66 -22.89 -13.08
N THR B 276 2.52 -23.93 -12.25
CA THR B 276 1.42 -24.87 -12.39
C THR B 276 0.06 -24.19 -12.21
N LEU B 277 -0.07 -23.38 -11.17
CA LEU B 277 -1.31 -22.64 -10.94
C LEU B 277 -1.57 -21.66 -12.07
N ALA B 278 -0.52 -20.94 -12.46
CA ALA B 278 -0.66 -19.95 -13.52
C ALA B 278 -1.07 -20.61 -14.84
N ASN B 279 -0.54 -21.81 -15.11
CA ASN B 279 -0.75 -22.45 -16.43
C ASN B 279 -2.05 -23.27 -16.46
N ASN B 280 -3.08 -22.75 -15.79
CA ASN B 280 -4.38 -23.42 -15.69
C ASN B 280 -4.30 -24.84 -15.16
N GLY B 281 -3.27 -25.09 -14.38
CA GLY B 281 -3.20 -26.30 -13.56
C GLY B 281 -2.34 -27.36 -14.18
N VAL B 282 -1.76 -27.06 -15.33
CA VAL B 282 -0.91 -28.00 -16.05
C VAL B 282 0.56 -27.69 -15.75
N TYR B 283 1.26 -28.68 -15.21
CA TYR B 283 2.65 -28.56 -14.79
C TYR B 283 3.59 -28.88 -15.95
N HIS B 284 4.65 -28.10 -16.09
CA HIS B 284 5.78 -28.44 -16.96
C HIS B 284 7.06 -28.36 -16.12
N GLN B 285 7.92 -29.36 -16.23
CA GLN B 285 9.08 -29.40 -15.38
C GLN B 285 10.06 -28.28 -15.75
N LYS B 286 10.44 -27.50 -14.74
CA LYS B 286 11.48 -26.47 -14.91
C LYS B 286 12.70 -27.08 -15.59
N HIS B 287 13.43 -26.24 -16.32
CA HIS B 287 14.73 -26.64 -16.87
C HIS B 287 15.47 -25.41 -17.35
N VAL B 288 16.79 -25.51 -17.36
CA VAL B 288 17.68 -24.49 -17.88
C VAL B 288 18.37 -24.99 -19.14
N ILE B 289 18.59 -26.30 -19.22
CA ILE B 289 19.22 -26.92 -20.40
C ILE B 289 18.15 -27.54 -21.30
N SER B 290 18.11 -27.13 -22.57
CA SER B 290 17.11 -27.67 -23.47
C SER B 290 17.71 -28.77 -24.34
N LYS B 291 19.02 -28.68 -24.59
CA LYS B 291 19.69 -29.62 -25.48
C LYS B 291 21.21 -29.50 -25.37
N ILE B 292 21.87 -30.67 -25.31
CA ILE B 292 23.32 -30.76 -25.49
C ILE B 292 23.63 -31.63 -26.72
N GLU B 293 24.43 -31.09 -27.65
CA GLU B 293 24.87 -31.82 -28.84
C GLU B 293 26.39 -31.94 -28.84
N ALA B 294 26.87 -33.10 -29.25
CA ALA B 294 28.24 -33.25 -29.73
C ALA B 294 28.46 -32.28 -30.88
N ALA B 295 29.73 -31.99 -31.17
CA ALA B 295 30.09 -31.14 -32.30
C ALA B 295 29.49 -31.63 -33.62
N ASP B 296 29.49 -32.95 -33.83
CA ASP B 296 29.02 -33.51 -35.10
C ASP B 296 27.51 -33.63 -35.19
N GLY B 297 26.81 -33.19 -34.14
CA GLY B 297 25.36 -33.15 -34.15
C GLY B 297 24.69 -34.21 -33.30
N ARG B 298 25.43 -35.20 -32.83
CA ARG B 298 24.81 -36.24 -32.03
C ARG B 298 24.15 -35.58 -30.82
N VAL B 299 22.89 -35.91 -30.58
CA VAL B 299 22.22 -35.41 -29.37
C VAL B 299 22.57 -36.22 -28.14
N VAL B 300 23.39 -35.65 -27.27
CA VAL B 300 23.72 -36.27 -26.01
C VAL B 300 22.54 -36.19 -25.06
N TYR B 301 21.84 -35.05 -25.07
CA TYR B 301 20.68 -34.83 -24.19
C TYR B 301 19.67 -33.87 -24.82
N GLU B 302 18.38 -34.14 -24.61
CA GLU B 302 17.34 -33.21 -25.01
C GLU B 302 16.16 -33.21 -24.06
N TYR B 303 15.73 -32.00 -23.66
CA TYR B 303 14.60 -31.87 -22.76
C TYR B 303 13.35 -32.44 -23.41
N GLN B 304 12.70 -33.34 -22.71
CA GLN B 304 11.42 -33.88 -23.15
C GLN B 304 10.30 -33.31 -22.29
N ASP B 305 9.32 -32.66 -22.90
CA ASP B 305 8.17 -32.17 -22.14
C ASP B 305 7.33 -33.31 -21.62
N LYS B 306 6.81 -33.17 -20.40
CA LYS B 306 5.86 -34.13 -19.84
C LYS B 306 4.77 -33.40 -19.04
N PRO B 307 3.84 -32.75 -19.74
CA PRO B 307 2.78 -32.00 -19.06
C PRO B 307 1.92 -32.85 -18.12
N VAL B 308 1.58 -32.34 -16.94
CA VAL B 308 0.67 -33.05 -16.04
C VAL B 308 -0.46 -32.13 -15.55
N GLN B 309 -1.70 -32.59 -15.69
CA GLN B 309 -2.83 -31.83 -15.16
C GLN B 309 -2.88 -32.04 -13.65
N VAL B 310 -2.25 -31.13 -12.90
CA VAL B 310 -2.11 -31.31 -11.44
C VAL B 310 -3.37 -30.89 -10.71
N TYR B 311 -3.83 -29.68 -10.98
CA TYR B 311 -5.16 -29.24 -10.55
C TYR B 311 -6.12 -29.19 -11.75
N SER B 312 -7.41 -29.36 -11.50
CA SER B 312 -8.39 -29.17 -12.58
C SER B 312 -8.33 -27.71 -13.09
N LYS B 313 -8.70 -27.51 -14.34
CA LYS B 313 -8.75 -26.15 -14.90
C LYS B 313 -9.62 -25.24 -14.03
N ALA B 314 -10.74 -25.79 -13.54
CA ALA B 314 -11.62 -25.03 -12.66
C ALA B 314 -10.90 -24.51 -11.41
N THR B 315 -10.16 -25.40 -10.77
CA THR B 315 -9.48 -25.08 -9.53
C THR B 315 -8.44 -23.98 -9.75
N ALA B 316 -7.57 -24.18 -10.74
CA ALA B 316 -6.48 -23.24 -11.02
C ALA B 316 -7.03 -21.86 -11.35
N THR B 317 -8.05 -21.81 -12.19
CA THR B 317 -8.56 -20.52 -12.63
C THR B 317 -9.29 -19.82 -11.48
N ILE B 318 -9.90 -20.59 -10.59
CA ILE B 318 -10.47 -20.02 -9.37
C ILE B 318 -9.37 -19.47 -8.45
N MET B 319 -8.30 -20.23 -8.24
CA MET B 319 -7.14 -19.70 -7.49
C MET B 319 -6.52 -18.43 -8.11
N GLN B 320 -6.40 -18.39 -9.44
CA GLN B 320 -5.90 -17.17 -10.10
C GLN B 320 -6.71 -15.95 -9.64
N GLY B 321 -8.05 -16.11 -9.63
CA GLY B 321 -8.92 -15.02 -9.22
C GLY B 321 -8.64 -14.60 -7.79
N LEU B 322 -8.38 -15.56 -6.91
CA LEU B 322 -8.11 -15.24 -5.53
C LEU B 322 -6.75 -14.57 -5.42
N LEU B 323 -5.77 -15.07 -6.17
CA LEU B 323 -4.42 -14.56 -6.06
C LEU B 323 -4.31 -13.18 -6.70
N ARG B 324 -5.22 -12.88 -7.63
CA ARG B 324 -5.26 -11.53 -8.20
C ARG B 324 -5.57 -10.53 -7.09
N GLU B 325 -6.49 -10.89 -6.20
CA GLU B 325 -6.90 -9.97 -5.13
C GLU B 325 -5.88 -9.91 -3.99
N VAL B 326 -5.07 -10.95 -3.85
CA VAL B 326 -3.91 -10.89 -2.93
C VAL B 326 -3.05 -9.66 -3.25
N LEU B 327 -2.71 -9.47 -4.52
CA LEU B 327 -1.84 -8.32 -4.86
C LEU B 327 -2.66 -7.03 -4.84
N SER B 328 -3.89 -7.08 -5.32
CA SER B 328 -4.63 -5.85 -5.48
C SER B 328 -5.11 -5.26 -4.15
N SER B 329 -5.32 -6.12 -3.17
CA SER B 329 -5.70 -5.66 -1.83
C SER B 329 -4.54 -4.98 -1.14
N ARG B 330 -3.32 -5.29 -1.55
CA ARG B 330 -2.13 -4.68 -0.93
C ARG B 330 -1.97 -4.90 0.57
N VAL B 331 -2.63 -5.90 1.13
CA VAL B 331 -2.48 -6.11 2.57
C VAL B 331 -1.06 -6.58 2.94
N THR B 332 -0.50 -7.52 2.19
CA THR B 332 0.81 -8.09 2.59
C THR B 332 1.93 -7.75 1.61
N THR B 333 1.65 -6.90 0.64
CA THR B 333 2.69 -6.46 -0.30
C THR B 333 2.31 -5.14 -0.95
N THR B 334 3.28 -4.22 -1.03
CA THR B 334 3.08 -2.93 -1.71
C THR B 334 3.29 -3.08 -3.21
N PHE B 335 3.50 -4.30 -3.68
CA PHE B 335 3.97 -4.53 -5.06
C PHE B 335 3.20 -3.72 -6.12
N LYS B 336 1.88 -3.81 -6.12
CA LYS B 336 1.09 -3.17 -7.18
C LYS B 336 1.27 -1.65 -7.14
N SER B 337 1.34 -1.07 -5.94
CA SER B 337 1.66 0.35 -5.84
C SER B 337 3.04 0.65 -6.43
N ASN B 338 4.06 -0.16 -6.08
CA ASN B 338 5.45 0.07 -6.54
C ASN B 338 5.48 0.00 -8.07
N LEU B 339 4.84 -1.01 -8.63
CA LEU B 339 4.90 -1.20 -10.07
C LEU B 339 4.05 -0.19 -10.84
N THR B 340 2.88 0.14 -10.31
CA THR B 340 2.07 1.22 -10.89
C THR B 340 2.90 2.48 -11.09
N SER B 341 3.69 2.85 -10.09
CA SER B 341 4.54 4.04 -10.22
C SER B 341 5.67 3.88 -11.22
N LEU B 342 6.29 2.72 -11.29
CA LEU B 342 7.39 2.55 -12.22
C LEU B 342 6.90 2.44 -13.66
N ASN B 343 5.73 1.82 -13.84
CA ASN B 343 5.35 1.33 -15.18
C ASN B 343 3.87 0.96 -15.18
N PRO B 344 3.04 1.97 -15.32
CA PRO B 344 1.61 1.82 -15.04
C PRO B 344 0.96 0.94 -16.10
N THR B 345 1.44 1.04 -17.32
CA THR B 345 0.98 0.13 -18.36
C THR B 345 1.31 -1.33 -18.01
N LEU B 346 2.52 -1.60 -17.52
CA LEU B 346 2.86 -2.98 -17.14
C LEU B 346 2.06 -3.42 -15.90
N ALA B 347 1.80 -2.48 -15.00
CA ALA B 347 1.04 -2.79 -13.79
C ALA B 347 -0.41 -3.11 -14.12
N ASN B 348 -0.84 -2.76 -15.33
CA ASN B 348 -2.19 -3.12 -15.80
C ASN B 348 -2.30 -4.49 -16.45
N ALA B 349 -1.18 -5.18 -16.68
CA ALA B 349 -1.27 -6.59 -17.05
C ALA B 349 -1.90 -7.40 -15.91
N ASP B 350 -2.24 -8.65 -16.17
CA ASP B 350 -3.05 -9.40 -15.20
C ASP B 350 -2.17 -10.11 -14.17
N TRP B 351 -1.63 -9.36 -13.22
CA TRP B 351 -0.78 -9.88 -12.14
C TRP B 351 -1.57 -10.64 -11.08
N ILE B 352 -1.08 -11.81 -10.71
CA ILE B 352 -1.52 -12.50 -9.48
C ILE B 352 -0.28 -12.94 -8.75
N GLY B 353 -0.42 -13.26 -7.46
CA GLY B 353 0.75 -13.52 -6.63
C GLY B 353 0.42 -13.84 -5.18
N LYS B 354 1.42 -14.30 -4.43
CA LYS B 354 1.24 -14.62 -3.03
C LYS B 354 2.54 -14.32 -2.35
N THR B 355 2.46 -13.82 -1.13
CA THR B 355 3.62 -13.53 -0.29
C THR B 355 3.83 -14.59 0.76
N GLY B 356 5.04 -14.60 1.33
CA GLY B 356 5.34 -15.51 2.43
C GLY B 356 6.33 -14.91 3.40
N THR B 357 6.15 -15.24 4.68
CA THR B 357 6.99 -14.73 5.77
C THR B 357 7.18 -15.85 6.79
N THR B 358 8.42 -16.26 7.06
CA THR B 358 8.65 -17.31 8.05
C THR B 358 8.47 -16.80 9.49
N GLY B 359 8.46 -17.75 10.43
CA GLY B 359 7.98 -17.48 11.78
C GLY B 359 8.77 -16.39 12.50
N GLN B 360 10.06 -16.24 12.18
CA GLN B 360 10.84 -15.16 12.78
C GLN B 360 11.29 -14.10 11.77
N ASP B 361 10.60 -14.00 10.65
CA ASP B 361 11.03 -13.11 9.58
C ASP B 361 12.42 -13.49 9.05
N GLU B 362 12.71 -14.79 9.03
CA GLU B 362 13.96 -15.28 8.44
C GLU B 362 13.93 -15.26 6.90
N ASN B 363 12.77 -15.53 6.32
CA ASN B 363 12.65 -15.62 4.87
C ASN B 363 11.40 -14.91 4.42
N MET B 364 11.50 -14.13 3.35
CA MET B 364 10.35 -13.49 2.75
C MET B 364 10.27 -14.00 1.33
N TRP B 365 9.05 -14.33 0.91
CA TRP B 365 8.82 -14.77 -0.46
C TRP B 365 7.79 -13.85 -1.08
N LEU B 366 7.93 -13.62 -2.38
CA LEU B 366 6.89 -13.07 -3.16
C LEU B 366 6.90 -13.81 -4.51
N MET B 367 5.78 -14.45 -4.83
CA MET B 367 5.62 -15.15 -6.11
C MET B 367 4.63 -14.39 -6.98
N LEU B 368 5.01 -14.16 -8.23
CA LEU B 368 4.23 -13.36 -9.17
C LEU B 368 4.01 -14.10 -10.49
N SER B 369 2.81 -13.94 -11.06
CA SER B 369 2.53 -14.51 -12.38
C SER B 369 1.66 -13.57 -13.22
N THR B 370 1.94 -13.51 -14.52
CA THR B 370 0.94 -13.18 -15.54
C THR B 370 0.61 -14.47 -16.28
N PRO B 371 -0.36 -14.45 -17.20
CA PRO B 371 -0.67 -15.69 -17.90
C PRO B 371 0.59 -16.30 -18.56
N ARG B 372 1.51 -15.45 -19.00
CA ARG B 372 2.69 -15.93 -19.74
C ARG B 372 3.86 -16.40 -18.85
N LEU B 373 4.14 -15.67 -17.78
CA LEU B 373 5.38 -15.85 -17.03
C LEU B 373 5.10 -15.99 -15.55
N THR B 374 5.94 -16.75 -14.85
CA THR B 374 6.02 -16.65 -13.40
C THR B 374 7.41 -16.21 -12.96
N LEU B 375 7.46 -15.31 -11.97
CA LEU B 375 8.72 -14.89 -11.39
C LEU B 375 8.69 -15.16 -9.90
N GLY B 376 9.63 -15.97 -9.42
CA GLY B 376 9.70 -16.27 -8.00
C GLY B 376 10.74 -15.41 -7.32
N GLY B 377 10.54 -15.13 -6.03
CA GLY B 377 11.46 -14.27 -5.31
C GLY B 377 11.58 -14.67 -3.85
N TRP B 378 12.82 -14.82 -3.40
CA TRP B 378 13.09 -15.07 -1.99
C TRP B 378 14.12 -14.04 -1.54
N ILE B 379 14.00 -13.55 -0.31
CA ILE B 379 15.11 -12.87 0.33
C ILE B 379 15.27 -13.45 1.71
N GLY B 380 16.46 -13.31 2.27
CA GLY B 380 16.79 -13.86 3.58
C GLY B 380 18.27 -13.67 3.84
N HIS B 381 18.75 -14.16 4.99
CA HIS B 381 20.18 -14.16 5.27
C HIS B 381 20.73 -15.57 5.17
N ASP B 382 21.95 -15.69 4.66
CA ASP B 382 22.56 -17.01 4.52
C ASP B 382 22.62 -17.80 5.84
N ASP B 383 22.86 -17.12 6.95
CA ASP B 383 22.90 -17.79 8.25
C ASP B 383 21.52 -17.86 8.94
N ASN B 384 20.48 -17.36 8.28
CA ASN B 384 19.11 -17.52 8.76
C ASN B 384 18.66 -16.66 9.94
N HIS B 385 19.37 -15.57 10.23
CA HIS B 385 18.83 -14.63 11.20
C HIS B 385 17.75 -13.73 10.60
N SER B 386 16.99 -13.10 11.48
CA SER B 386 15.78 -12.37 11.12
C SER B 386 16.04 -11.21 10.16
N LEU B 387 15.09 -10.97 9.27
CA LEU B 387 14.97 -9.68 8.58
C LEU B 387 14.08 -8.76 9.40
N SER B 388 13.90 -7.52 8.94
CA SER B 388 12.94 -6.60 9.54
C SER B 388 11.50 -7.01 9.26
N GLN B 389 10.58 -6.44 10.02
CA GLN B 389 9.17 -6.78 9.92
C GLN B 389 8.61 -6.44 8.53
N GLN B 390 9.14 -5.39 7.92
CA GLN B 390 8.65 -4.95 6.62
C GLN B 390 9.48 -5.43 5.42
N ALA B 391 10.42 -6.34 5.61
CA ALA B 391 11.37 -6.66 4.52
C ALA B 391 10.64 -7.28 3.31
N GLY B 392 9.59 -8.03 3.57
CA GLY B 392 8.84 -8.65 2.48
C GLY B 392 7.72 -7.74 1.98
N TYR B 393 7.02 -7.13 2.92
CA TYR B 393 5.88 -6.27 2.61
C TYR B 393 6.32 -5.13 1.69
N SER B 394 7.43 -4.51 2.03
CA SER B 394 7.86 -3.31 1.34
C SER B 394 9.15 -3.50 0.52
N ASN B 395 10.25 -3.83 1.18
CA ASN B 395 11.55 -3.97 0.48
C ASN B 395 11.52 -4.92 -0.70
N ASN B 396 11.12 -6.16 -0.46
CA ASN B 396 11.19 -7.15 -1.53
C ASN B 396 10.18 -6.85 -2.65
N SER B 397 9.04 -6.29 -2.24
CA SER B 397 8.00 -5.89 -3.19
C SER B 397 8.53 -4.80 -4.11
N ASN B 398 9.21 -3.82 -3.51
CA ASN B 398 9.76 -2.71 -4.31
C ASN B 398 10.91 -3.20 -5.22
N TYR B 399 11.78 -4.04 -4.68
CA TYR B 399 12.86 -4.58 -5.48
C TYR B 399 12.30 -5.35 -6.67
N MET B 400 11.27 -6.15 -6.44
CA MET B 400 10.74 -7.03 -7.48
C MET B 400 9.96 -6.25 -8.52
N ALA B 401 9.36 -5.14 -8.11
CA ALA B 401 8.80 -4.21 -9.08
C ALA B 401 9.89 -3.70 -10.02
N HIS B 402 11.03 -3.30 -9.48
CA HIS B 402 12.14 -2.88 -10.35
C HIS B 402 12.56 -4.01 -11.28
N LEU B 403 12.56 -5.24 -10.74
CA LEU B 403 13.06 -6.40 -11.46
C LEU B 403 12.09 -6.68 -12.59
N VAL B 404 10.80 -6.61 -12.30
CA VAL B 404 9.76 -6.84 -13.32
C VAL B 404 9.84 -5.78 -14.44
N ASN B 405 10.07 -4.53 -14.04
CA ASN B 405 10.22 -3.42 -14.99
C ASN B 405 11.48 -3.54 -15.84
N ALA B 406 12.58 -4.00 -15.25
CA ALA B 406 13.82 -4.22 -16.02
C ALA B 406 13.61 -5.32 -17.07
N ILE B 407 12.89 -6.35 -16.67
CA ILE B 407 12.59 -7.48 -17.56
C ILE B 407 11.75 -7.02 -18.76
N GLN B 408 10.69 -6.28 -18.49
CA GLN B 408 9.85 -5.72 -19.55
C GLN B 408 10.58 -4.74 -20.47
N GLN B 409 11.39 -3.87 -19.91
CA GLN B 409 12.16 -2.92 -20.75
C GLN B 409 13.08 -3.64 -21.71
N ALA B 410 13.64 -4.75 -21.27
CA ALA B 410 14.57 -5.54 -22.11
C ALA B 410 13.86 -6.38 -23.18
N SER B 411 12.58 -6.68 -22.96
CA SER B 411 11.83 -7.63 -23.78
C SER B 411 10.35 -7.26 -23.68
N PRO B 412 9.93 -6.22 -24.40
CA PRO B 412 8.74 -5.46 -24.02
C PRO B 412 7.44 -6.24 -24.13
N SER B 413 7.40 -7.30 -24.92
CA SER B 413 6.19 -8.12 -25.01
C SER B 413 6.12 -9.33 -24.05
N ILE B 414 7.20 -9.58 -23.29
CA ILE B 414 7.39 -10.91 -22.70
C ILE B 414 6.39 -11.22 -21.58
N TRP B 415 5.87 -10.19 -20.91
CA TRP B 415 4.86 -10.45 -19.85
C TRP B 415 3.47 -10.69 -20.42
N GLY B 416 3.19 -10.12 -21.60
CA GLY B 416 1.94 -10.36 -22.32
C GLY B 416 0.81 -9.52 -21.75
N ASN B 417 -0.30 -9.47 -22.48
CA ASN B 417 -1.45 -8.65 -22.12
C ASN B 417 -2.70 -9.53 -21.98
N GLU B 418 -2.52 -10.84 -22.07
CA GLU B 418 -3.60 -11.79 -21.80
C GLU B 418 -4.09 -11.66 -20.36
N ARG B 419 -5.33 -12.07 -20.12
CA ARG B 419 -5.92 -12.05 -18.78
C ARG B 419 -6.21 -13.48 -18.35
N PHE B 420 -6.03 -13.76 -17.06
CA PHE B 420 -6.51 -15.00 -16.46
C PHE B 420 -8.04 -14.97 -16.47
N ALA B 421 -8.68 -16.13 -16.59
CA ALA B 421 -10.13 -16.18 -16.75
C ALA B 421 -10.69 -17.51 -16.28
N LEU B 422 -11.83 -17.45 -15.58
CA LEU B 422 -12.53 -18.66 -15.15
C LEU B 422 -12.74 -19.61 -16.32
N ASP B 423 -12.29 -20.85 -16.17
CA ASP B 423 -12.62 -21.88 -17.12
C ASP B 423 -14.13 -22.11 -17.12
N PRO B 424 -14.70 -22.39 -18.29
CA PRO B 424 -16.14 -22.69 -18.41
C PRO B 424 -16.59 -23.77 -17.44
N SER B 425 -15.68 -24.68 -17.09
CA SER B 425 -16.04 -25.85 -16.29
C SER B 425 -16.30 -25.47 -14.83
N VAL B 426 -16.09 -24.21 -14.50
CA VAL B 426 -16.31 -23.74 -13.13
C VAL B 426 -17.79 -23.68 -12.79
N VAL B 427 -18.16 -24.11 -11.59
CA VAL B 427 -19.54 -24.02 -11.14
C VAL B 427 -19.76 -22.84 -10.20
N LYS B 428 -20.83 -22.09 -10.43
CA LYS B 428 -21.14 -20.91 -9.62
C LYS B 428 -22.40 -21.13 -8.79
N SER B 429 -22.29 -21.01 -7.46
CA SER B 429 -23.47 -21.03 -6.62
C SER B 429 -23.70 -19.68 -5.96
N GLU B 430 -24.97 -19.33 -5.80
CA GLU B 430 -25.39 -18.27 -4.88
C GLU B 430 -25.32 -18.79 -3.44
N VAL B 431 -24.54 -18.14 -2.61
CA VAL B 431 -24.41 -18.53 -1.21
C VAL B 431 -24.58 -17.32 -0.28
N LEU B 432 -24.91 -17.59 0.98
CA LEU B 432 -24.99 -16.53 1.99
C LEU B 432 -23.59 -16.07 2.34
N LYS B 433 -23.36 -14.75 2.34
CA LYS B 433 -22.02 -14.25 2.69
C LYS B 433 -21.64 -14.77 4.05
N SER B 434 -22.62 -14.78 4.97
CA SER B 434 -22.34 -15.13 6.34
C SER B 434 -21.86 -16.58 6.47
N THR B 435 -22.47 -17.51 5.74
CA THR B 435 -22.09 -18.92 5.89
C THR B 435 -21.19 -19.47 4.78
N GLY B 436 -21.23 -18.85 3.60
CA GLY B 436 -20.50 -19.34 2.45
C GLY B 436 -21.23 -20.50 1.80
N GLN B 437 -22.48 -20.72 2.22
CA GLN B 437 -23.29 -21.84 1.76
C GLN B 437 -24.72 -21.40 1.37
N LYS B 438 -25.42 -22.27 0.65
CA LYS B 438 -26.75 -21.92 0.12
C LYS B 438 -27.73 -21.62 1.26
N PRO B 439 -28.50 -20.54 1.10
CA PRO B 439 -29.49 -20.13 2.10
C PRO B 439 -30.48 -21.24 2.41
N GLY B 440 -30.89 -21.36 3.67
CA GLY B 440 -31.93 -22.30 4.04
C GLY B 440 -32.09 -22.48 5.53
N LYS B 441 -32.73 -23.58 5.94
CA LYS B 441 -33.03 -23.83 7.34
C LYS B 441 -31.92 -24.61 8.05
N VAL B 442 -31.62 -24.21 9.28
CA VAL B 442 -30.65 -24.89 10.14
C VAL B 442 -31.12 -24.79 11.59
N SER B 443 -30.94 -25.86 12.36
CA SER B 443 -31.27 -25.82 13.78
C SER B 443 -30.11 -25.26 14.62
N VAL B 444 -30.35 -24.12 15.27
CA VAL B 444 -29.37 -23.52 16.18
C VAL B 444 -29.79 -23.73 17.65
N GLU B 445 -29.35 -24.84 18.22
CA GLU B 445 -29.75 -25.22 19.57
C GLU B 445 -31.26 -25.29 19.70
N GLY B 446 -31.87 -26.30 19.12
CA GLY B 446 -33.30 -26.54 19.25
C GLY B 446 -34.14 -25.77 18.25
N LYS B 447 -33.92 -24.46 18.17
CA LYS B 447 -34.74 -23.59 17.32
C LYS B 447 -34.35 -23.68 15.85
N GLU B 448 -35.07 -24.51 15.10
CA GLU B 448 -34.94 -24.56 13.64
C GLU B 448 -35.12 -23.17 13.03
N VAL B 449 -34.09 -22.69 12.34
CA VAL B 449 -33.98 -21.26 12.00
C VAL B 449 -33.81 -21.00 10.49
N GLU B 450 -34.42 -19.92 10.01
CA GLU B 450 -34.37 -19.57 8.59
C GLU B 450 -33.12 -18.72 8.29
N VAL B 451 -32.09 -19.37 7.75
CA VAL B 451 -30.88 -18.62 7.44
C VAL B 451 -31.03 -17.75 6.20
N THR B 452 -31.18 -16.45 6.45
CA THR B 452 -31.50 -15.45 5.44
C THR B 452 -30.31 -14.50 5.30
N GLY B 453 -30.34 -13.67 4.26
CA GLY B 453 -29.47 -12.49 4.20
C GLY B 453 -28.74 -12.33 2.89
N SER B 454 -27.86 -11.33 2.82
CA SER B 454 -27.25 -10.94 1.54
C SER B 454 -26.34 -12.06 1.01
N THR B 455 -26.18 -12.10 -0.31
CA THR B 455 -25.55 -13.24 -0.99
C THR B 455 -24.38 -12.84 -1.94
N VAL B 456 -23.51 -13.82 -2.23
CA VAL B 456 -22.45 -13.67 -3.24
C VAL B 456 -22.41 -14.88 -4.18
N THR B 457 -21.76 -14.72 -5.32
CA THR B 457 -21.43 -15.88 -6.14
C THR B 457 -20.20 -16.56 -5.60
N SER B 458 -20.32 -17.86 -5.36
CA SER B 458 -19.16 -18.65 -4.95
C SER B 458 -18.74 -19.58 -6.08
N TYR B 459 -17.44 -19.63 -6.37
CA TYR B 459 -16.93 -20.47 -7.45
C TYR B 459 -16.45 -21.82 -6.93
N TRP B 460 -16.97 -22.89 -7.53
CA TRP B 460 -16.64 -24.25 -7.11
C TRP B 460 -16.01 -25.07 -8.25
N ALA B 461 -15.21 -26.07 -7.90
CA ALA B 461 -14.60 -26.94 -8.93
C ALA B 461 -15.08 -28.38 -8.77
N ASN B 462 -16.31 -28.56 -8.32
CA ASN B 462 -16.95 -29.86 -8.39
C ASN B 462 -18.08 -29.81 -9.41
N LYS B 463 -19.09 -30.66 -9.26
CA LYS B 463 -20.19 -30.70 -10.21
C LYS B 463 -21.42 -29.96 -9.71
N SER B 464 -21.66 -29.98 -8.41
CA SER B 464 -22.93 -29.51 -7.85
C SER B 464 -22.84 -28.14 -7.18
N GLY B 465 -21.61 -27.64 -7.02
CA GLY B 465 -21.40 -26.36 -6.33
C GLY B 465 -21.47 -26.46 -4.82
N ALA B 466 -22.13 -25.49 -4.21
CA ALA B 466 -22.08 -25.32 -2.75
C ALA B 466 -23.22 -26.05 -2.06
N PRO B 467 -22.91 -26.76 -0.97
CA PRO B 467 -23.96 -27.42 -0.17
C PRO B 467 -24.93 -26.40 0.41
N ALA B 468 -26.14 -26.86 0.76
CA ALA B 468 -27.02 -26.08 1.62
C ALA B 468 -26.29 -25.73 2.91
N THR B 469 -26.69 -24.64 3.55
CA THR B 469 -26.02 -24.25 4.78
C THR B 469 -26.17 -25.36 5.83
N SER B 470 -25.13 -25.55 6.62
CA SER B 470 -25.14 -26.47 7.75
C SER B 470 -24.83 -25.68 9.02
N TYR B 471 -24.98 -26.31 10.19
CA TYR B 471 -24.55 -25.65 11.42
C TYR B 471 -23.04 -25.34 11.45
N ARG B 472 -22.25 -26.38 11.23
CA ARG B 472 -20.80 -26.23 11.15
C ARG B 472 -20.44 -25.85 9.72
N PHE B 473 -20.80 -24.63 9.36
CA PHE B 473 -20.74 -24.20 7.98
C PHE B 473 -19.31 -23.88 7.55
N ALA B 474 -18.40 -23.76 8.50
CA ALA B 474 -17.06 -23.22 8.25
C ALA B 474 -16.00 -24.33 8.18
N ILE B 475 -14.89 -24.08 7.49
CA ILE B 475 -13.73 -24.95 7.67
C ILE B 475 -13.10 -24.69 9.04
N GLY B 476 -13.18 -25.68 9.91
CA GLY B 476 -12.64 -25.57 11.27
C GLY B 476 -13.61 -24.92 12.25
N GLY B 477 -13.19 -24.83 13.52
CA GLY B 477 -13.93 -24.11 14.55
C GLY B 477 -14.33 -25.01 15.70
N SER B 478 -14.30 -24.48 16.92
CA SER B 478 -14.80 -25.21 18.09
C SER B 478 -16.27 -24.93 18.36
N ASP B 479 -16.86 -25.78 19.18
CA ASP B 479 -18.24 -25.61 19.65
C ASP B 479 -18.43 -24.18 20.15
N ALA B 480 -17.57 -23.75 21.07
CA ALA B 480 -17.59 -22.37 21.52
C ALA B 480 -17.61 -21.41 20.32
N ASP B 481 -16.67 -21.58 19.40
CA ASP B 481 -16.59 -20.73 18.21
C ASP B 481 -17.93 -20.66 17.47
N TYR B 482 -18.54 -21.81 17.22
CA TYR B 482 -19.73 -21.86 16.38
C TYR B 482 -20.96 -21.24 17.08
N GLN B 483 -21.01 -21.35 18.40
CA GLN B 483 -22.02 -20.61 19.16
C GLN B 483 -21.82 -19.10 19.00
N ASN B 484 -20.60 -18.65 19.22
CA ASN B 484 -20.26 -17.25 19.02
C ASN B 484 -20.64 -16.73 17.63
N ALA B 485 -20.32 -17.51 16.61
CA ALA B 485 -20.56 -17.08 15.22
C ALA B 485 -22.06 -16.98 14.98
N TRP B 486 -22.79 -17.97 15.48
CA TRP B 486 -24.21 -18.05 15.25
C TRP B 486 -24.98 -17.03 16.07
N SER B 487 -24.41 -16.63 17.20
CA SER B 487 -24.90 -15.47 17.91
C SER B 487 -24.99 -14.30 16.94
N SER B 488 -23.84 -13.93 16.38
CA SER B 488 -23.74 -12.86 15.40
C SER B 488 -24.74 -13.01 14.26
N ILE B 489 -24.59 -14.08 13.49
CA ILE B 489 -25.47 -14.34 12.36
C ILE B 489 -26.94 -14.20 12.75
N VAL B 490 -27.34 -14.89 13.83
CA VAL B 490 -28.74 -14.89 14.26
C VAL B 490 -29.30 -13.50 14.56
N GLY B 491 -28.51 -12.67 15.24
CA GLY B 491 -28.83 -11.24 15.35
C GLY B 491 -28.76 -10.48 14.03
N SER B 492 -29.44 -11.01 13.00
CA SER B 492 -29.78 -10.26 11.77
C SER B 492 -30.34 -11.18 10.70
O6 A01 C . -15.78 8.85 4.63
C5 A01 C . -14.66 8.68 4.14
N4 A01 C . -13.52 9.27 4.60
C3 A01 C . -13.47 10.20 5.60
B A01 C . -12.34 11.24 5.28
O1 A01 C . -12.72 12.06 4.03
O2 A01 C . -11.03 10.46 4.98
C7 A01 C . -14.45 7.71 2.98
C8 A01 C . -13.23 7.02 2.87
O9 A01 C . -12.18 7.33 3.70
C10 A01 C . -11.24 6.35 4.13
C11 A01 C . -13.08 6.01 1.91
C12 A01 C . -14.13 5.71 1.04
C13 A01 C . -15.33 6.40 1.15
C14 A01 C . -15.50 7.39 2.11
O15 A01 C . -16.68 8.06 2.16
C15 A01 C . -17.38 8.25 0.91
S SO4 D . -8.69 32.12 -0.89
O1 SO4 D . -9.52 31.38 0.08
O2 SO4 D . -7.80 31.20 -1.67
O3 SO4 D . -7.83 33.09 -0.14
O4 SO4 D . -9.57 32.83 -1.85
CL CL E . -21.71 28.37 16.70
CL CL F . -16.46 28.43 17.60
CL CL G . 7.23 4.38 5.14
CL CL H . -2.29 20.93 32.62
CL CL I . -26.70 3.93 26.05
CL CL J . 7.71 55.11 -13.02
CL CL K . 3.31 9.45 33.80
CL CL L . -11.76 29.47 3.42
CL CL M . -0.61 37.38 -3.20
CL CL N . 1.01 27.62 -15.49
CL CL O . 4.00 27.50 21.97
CL CL P . 13.01 31.48 -10.31
CL CL Q . -17.09 17.84 -15.13
NA NA R . -9.52 9.63 3.07
C1 EDO S . 2.13 9.20 17.22
O1 EDO S . 2.49 9.95 18.39
C2 EDO S . 3.19 8.15 16.92
O2 EDO S . 3.00 7.07 17.86
C1 EDO T . 17.79 13.50 -7.06
O1 EDO T . 17.47 12.26 -6.42
C2 EDO T . 19.01 14.10 -6.39
O2 EDO T . 19.66 14.99 -7.32
O6 A01 U . 2.72 -15.49 10.11
C5 A01 U . 2.98 -14.70 9.21
N4 A01 U . 2.68 -14.90 7.90
C3 A01 U . 2.11 -16.03 7.40
B A01 U . 2.57 -16.22 5.91
O1 A01 U . 4.08 -16.58 5.84
O2 A01 U . 2.32 -14.92 5.12
C7 A01 U . 3.62 -13.36 9.53
C8 A01 U . 3.20 -12.22 8.84
O9 A01 U . 2.26 -12.36 7.85
C10 A01 U . 1.60 -11.24 7.25
C11 A01 U . 3.73 -10.98 9.15
C12 A01 U . 4.69 -10.87 10.15
C13 A01 U . 5.13 -12.01 10.84
C14 A01 U . 4.59 -13.24 10.53
O15 A01 U . 5.03 -14.35 11.21
C15 A01 U . 6.11 -14.17 12.13
S SO4 V . 15.50 -28.65 -6.96
O1 SO4 V . 14.52 -28.89 -5.86
O2 SO4 V . 15.60 -27.21 -7.34
O3 SO4 V . 15.06 -29.41 -8.16
O4 SO4 V . 16.81 -29.12 -6.47
CL CL W . 1.43 -38.85 6.50
CL CL X . -0.57 -37.34 1.74
CL CL Y . -4.46 -2.60 -8.72
CL CL Z . -20.08 -32.33 -6.99
CL CL AA . -22.83 -29.89 10.72
CL CL BA . -26.76 -22.05 -7.00
CL CL CA . 11.34 -29.74 -2.99
CL CL DA . 18.04 -28.23 -16.50
CL CL EA . 24.68 -14.37 -13.66
CL CL FA . -9.61 -30.01 -15.96
CL CL GA . 18.84 -15.09 -26.20
CL CL HA . 26.29 -20.97 -9.30
CL CL IA . 24.34 -14.14 6.87
CL CL JA . 14.05 -22.14 6.23
CL CL KA . -13.81 -28.74 8.74
NA NA LA . 3.18 -12.88 4.08
C1 EDO MA . -12.24 -14.33 -5.62
O1 EDO MA . -12.92 -15.21 -6.53
C2 EDO MA . -12.26 -12.91 -6.19
O2 EDO MA . -13.45 -12.27 -5.73
C1 EDO NA . 7.59 -0.31 -22.19
O1 EDO NA . 6.48 -0.01 -21.33
C2 EDO NA . 7.10 -0.67 -23.59
O2 EDO NA . 8.24 -0.76 -24.45
CL CL OA . 0.76 0.37 -0.95
CL CL PA . 4.87 -24.79 18.93
#